data_6BZ5
#
_entry.id   6BZ5
#
_cell.length_a   81.615
_cell.length_b   98.076
_cell.length_c   130.136
_cell.angle_alpha   90.00
_cell.angle_beta   90.00
_cell.angle_gamma   90.00
#
_symmetry.space_group_name_H-M   'P 21 21 21'
#
loop_
_entity.id
_entity.type
_entity.pdbx_description
1 polymer 'Salicylate hydroxylase'
2 non-polymer 'IODIDE ION'
3 non-polymer GLYCEROL
4 non-polymer 1,2-ETHANEDIOL
5 non-polymer 'SULFATE ION'
6 water water
#
_entity_poly.entity_id   1
_entity_poly.type   'polypeptide(L)'
_entity_poly.pdbx_seq_one_letter_code
;MGHHHHHHENLYFQGHMKNNKLGLRIGIVGGGISGVALALELCRYSHIQVQLFEAAPAFGEVGAGVSFGPNAVRAIVGLG
LGEAYLQVADRTSEPWEDVWFEWRRGSDASYLGATIAPGVGQSSVHRADFIDALVTHLPEGIAQFGKRATQVEQQGGEVQ
VLFTDGTEYRCDLLIGADGIKSALRSHVLEGQGLAPQVPRFSGTCAYRGMVDSLHLREAYRAHGIDEHLVDVPQMYLGLD
GHILTFPVRNGGIINVVAFISDRSEPKPTWPADAPWVREASQREMLDAFAGWGDAARALLECIPAPTLWALHDLAELPGY
VHGRVVLIGDAAHAMLPHQGAGAGQGLEDAYFLARLLGDTQADAGNLAELLEAYDDLRRPRACRVQQTSWETGELYELRD
PVVGANEQLLGENLATRFDWLWNHDLDTDLAEARARLGWEHGGGGALRQG
;
_entity_poly.pdbx_strand_id   A,B
#
# COMPACT_ATOMS: atom_id res chain seq x y z
N GLY A 23 16.69 13.96 -38.07
CA GLY A 23 16.62 13.55 -36.67
C GLY A 23 15.20 13.50 -36.15
N LEU A 24 15.04 12.95 -34.95
CA LEU A 24 13.73 12.81 -34.31
C LEU A 24 13.83 13.23 -32.85
N ARG A 25 12.92 14.11 -32.43
CA ARG A 25 12.79 14.49 -31.04
C ARG A 25 11.62 13.71 -30.45
N ILE A 26 11.90 12.91 -29.42
CA ILE A 26 10.90 12.05 -28.81
C ILE A 26 10.84 12.33 -27.32
N GLY A 27 9.64 12.54 -26.80
CA GLY A 27 9.39 12.69 -25.39
C GLY A 27 8.55 11.54 -24.88
N ILE A 28 8.86 11.07 -23.67
CA ILE A 28 8.15 9.97 -23.04
C ILE A 28 7.68 10.45 -21.67
N VAL A 29 6.38 10.31 -21.40
CA VAL A 29 5.77 10.70 -20.14
C VAL A 29 5.42 9.42 -19.38
N GLY A 30 6.06 9.21 -18.23
CA GLY A 30 5.81 8.04 -17.43
C GLY A 30 7.06 7.21 -17.20
N GLY A 31 7.51 7.14 -15.95
CA GLY A 31 8.73 6.43 -15.63
C GLY A 31 8.51 5.02 -15.15
N GLY A 32 7.54 4.32 -15.72
CA GLY A 32 7.33 2.92 -15.43
C GLY A 32 8.26 2.04 -16.23
N ILE A 33 7.94 0.73 -16.21
CA ILE A 33 8.78 -0.23 -16.94
C ILE A 33 8.79 0.09 -18.43
N SER A 34 7.60 0.28 -19.02
CA SER A 34 7.50 0.49 -20.45
C SER A 34 8.21 1.78 -20.88
N GLY A 35 8.02 2.86 -20.12
CA GLY A 35 8.59 4.14 -20.51
C GLY A 35 10.10 4.17 -20.39
N VAL A 36 10.64 3.65 -19.29
CA VAL A 36 12.09 3.67 -19.09
C VAL A 36 12.76 2.70 -20.05
N ALA A 37 12.11 1.56 -20.33
CA ALA A 37 12.68 0.61 -21.28
C ALA A 37 12.79 1.21 -22.67
N LEU A 38 11.75 1.92 -23.12
CA LEU A 38 11.78 2.55 -24.42
C LEU A 38 12.86 3.64 -24.48
N ALA A 39 13.00 4.42 -23.40
CA ALA A 39 13.99 5.48 -23.39
C ALA A 39 15.40 4.92 -23.44
N LEU A 40 15.65 3.80 -22.75
CA LEU A 40 16.99 3.23 -22.72
C LEU A 40 17.43 2.77 -24.11
N GLU A 41 16.49 2.23 -24.90
CA GLU A 41 16.85 1.77 -26.23
C GLU A 41 16.89 2.92 -27.23
N LEU A 42 15.99 3.89 -27.08
CA LEU A 42 15.94 5.00 -28.03
C LEU A 42 17.19 5.88 -27.97
N CYS A 43 17.86 5.93 -26.82
CA CYS A 43 19.08 6.72 -26.67
CA CYS A 43 19.07 6.75 -26.73
C CYS A 43 20.29 6.07 -27.33
N ARG A 44 20.18 4.81 -27.75
CA ARG A 44 21.28 4.14 -28.43
C ARG A 44 21.46 4.61 -29.86
N TYR A 45 20.49 5.32 -30.43
CA TYR A 45 20.57 5.82 -31.79
C TYR A 45 21.02 7.28 -31.77
N SER A 46 22.00 7.61 -32.62
CA SER A 46 22.55 8.96 -32.64
C SER A 46 21.60 9.96 -33.28
N HIS A 47 20.68 9.52 -34.13
CA HIS A 47 19.76 10.41 -34.81
C HIS A 47 18.49 10.69 -34.01
N ILE A 48 18.43 10.25 -32.75
CA ILE A 48 17.26 10.42 -31.92
C ILE A 48 17.66 11.09 -30.62
N GLN A 49 16.95 12.14 -30.24
CA GLN A 49 17.12 12.81 -28.96
C GLN A 49 15.89 12.52 -28.11
N VAL A 50 16.11 11.95 -26.93
CA VAL A 50 15.03 11.48 -26.07
C VAL A 50 15.07 12.24 -24.75
N GLN A 51 13.89 12.51 -24.21
CA GLN A 51 13.73 13.05 -22.86
C GLN A 51 12.63 12.26 -22.15
N LEU A 52 12.89 11.88 -20.91
CA LEU A 52 11.98 11.09 -20.11
C LEU A 52 11.43 11.94 -18.98
N PHE A 53 10.11 12.04 -18.90
CA PHE A 53 9.44 12.85 -17.89
C PHE A 53 8.65 11.95 -16.95
N GLU A 54 8.48 12.42 -15.71
CA GLU A 54 7.73 11.67 -14.72
C GLU A 54 6.24 11.95 -14.84
N ALA A 55 5.44 10.97 -14.41
CA ALA A 55 4.01 11.10 -14.30
C ALA A 55 3.62 11.01 -12.82
N ALA A 56 2.34 10.80 -12.56
CA ALA A 56 1.88 10.66 -11.19
C ALA A 56 2.31 9.31 -10.63
N PRO A 57 2.89 9.25 -9.43
CA PRO A 57 3.30 7.97 -8.87
C PRO A 57 2.11 7.06 -8.59
N ALA A 58 2.40 5.77 -8.48
CA ALA A 58 1.37 4.76 -8.31
C ALA A 58 1.75 3.81 -7.19
N PHE A 59 0.73 3.18 -6.60
CA PHE A 59 0.93 2.12 -5.64
C PHE A 59 -0.21 1.12 -5.69
N GLY A 60 -1.43 1.59 -5.45
CA GLY A 60 -2.60 0.72 -5.55
C GLY A 60 -2.80 0.14 -6.94
N GLU A 61 -2.22 0.77 -7.97
CA GLU A 61 -2.33 0.26 -9.33
C GLU A 61 -1.42 -0.93 -9.60
N VAL A 62 -0.51 -1.26 -8.68
CA VAL A 62 0.37 -2.41 -8.88
C VAL A 62 -0.45 -3.69 -8.97
N GLY A 63 -1.52 -3.78 -8.17
CA GLY A 63 -2.39 -4.95 -8.27
C GLY A 63 -1.69 -6.20 -7.77
N ALA A 64 -1.71 -7.24 -8.59
CA ALA A 64 -1.15 -8.53 -8.21
C ALA A 64 0.36 -8.61 -8.42
N GLY A 65 0.97 -7.63 -9.08
CA GLY A 65 2.41 -7.58 -9.22
C GLY A 65 2.85 -7.67 -10.67
N VAL A 66 4.15 -7.89 -10.85
CA VAL A 66 4.79 -7.90 -12.17
C VAL A 66 5.48 -9.24 -12.35
N SER A 67 5.26 -9.85 -13.52
CA SER A 67 5.95 -11.08 -13.90
C SER A 67 6.35 -10.99 -15.36
N PHE A 68 7.28 -11.86 -15.77
CA PHE A 68 7.84 -11.83 -17.12
C PHE A 68 7.67 -13.21 -17.76
N GLY A 69 6.85 -13.28 -18.80
CA GLY A 69 6.76 -14.48 -19.62
C GLY A 69 7.90 -14.56 -20.60
N PRO A 70 7.96 -15.69 -21.32
CA PRO A 70 9.00 -15.86 -22.34
C PRO A 70 9.04 -14.74 -23.37
N ASN A 71 7.89 -14.25 -23.81
CA ASN A 71 7.87 -13.13 -24.75
C ASN A 71 8.38 -11.85 -24.12
N ALA A 72 8.24 -11.71 -22.80
CA ALA A 72 8.72 -10.50 -22.13
C ALA A 72 10.24 -10.49 -22.02
N VAL A 73 10.84 -11.61 -21.64
CA VAL A 73 12.30 -11.66 -21.55
C VAL A 73 12.93 -11.52 -22.93
N ARG A 74 12.25 -12.03 -23.97
CA ARG A 74 12.77 -11.86 -25.33
C ARG A 74 12.79 -10.38 -25.72
N ALA A 75 11.72 -9.65 -25.40
CA ALA A 75 11.72 -8.21 -25.65
C ALA A 75 12.78 -7.50 -24.83
N ILE A 76 12.95 -7.92 -23.57
CA ILE A 76 13.97 -7.33 -22.70
C ILE A 76 15.35 -7.47 -23.33
N VAL A 77 15.65 -8.64 -23.87
CA VAL A 77 16.94 -8.86 -24.52
C VAL A 77 17.03 -8.05 -25.81
N GLY A 78 15.94 -8.01 -26.58
CA GLY A 78 15.93 -7.20 -27.79
C GLY A 78 16.13 -5.72 -27.53
N LEU A 79 15.75 -5.26 -26.34
CA LEU A 79 15.95 -3.88 -25.94
C LEU A 79 17.30 -3.67 -25.26
N GLY A 80 18.10 -4.71 -25.09
CA GLY A 80 19.39 -4.59 -24.44
C GLY A 80 19.35 -4.43 -22.95
N LEU A 81 18.29 -4.90 -22.29
CA LEU A 81 18.10 -4.72 -20.86
C LEU A 81 18.37 -5.99 -20.05
N GLY A 82 19.15 -6.91 -20.61
CA GLY A 82 19.34 -8.20 -19.95
C GLY A 82 20.13 -8.09 -18.65
N GLU A 83 21.10 -7.19 -18.61
CA GLU A 83 21.93 -7.05 -17.41
C GLU A 83 21.08 -6.57 -16.22
N ALA A 84 20.24 -5.56 -16.45
CA ALA A 84 19.37 -5.08 -15.37
C ALA A 84 18.35 -6.15 -14.99
N TYR A 85 17.86 -6.92 -15.97
CA TYR A 85 16.89 -7.97 -15.68
C TYR A 85 17.50 -9.06 -14.81
N LEU A 86 18.72 -9.49 -15.12
CA LEU A 86 19.37 -10.53 -14.32
C LEU A 86 19.69 -10.04 -12.92
N GLN A 87 19.86 -8.73 -12.75
CA GLN A 87 20.26 -8.19 -11.44
C GLN A 87 19.14 -8.30 -10.41
N VAL A 88 17.89 -8.24 -10.84
CA VAL A 88 16.77 -8.12 -9.90
C VAL A 88 15.71 -9.20 -10.05
N ALA A 89 15.57 -9.83 -11.22
CA ALA A 89 14.47 -10.76 -11.43
C ALA A 89 14.63 -12.02 -10.59
N ASP A 90 13.50 -12.62 -10.23
CA ASP A 90 13.46 -13.83 -9.42
C ASP A 90 12.96 -14.99 -10.28
N ARG A 91 13.73 -16.09 -10.29
CA ARG A 91 13.37 -17.29 -11.01
C ARG A 91 13.51 -18.50 -10.10
N THR A 92 12.64 -19.48 -10.30
CA THR A 92 12.62 -20.65 -9.43
C THR A 92 13.91 -21.46 -9.58
N SER A 93 14.37 -22.01 -8.46
CA SER A 93 15.62 -22.75 -8.44
C SER A 93 15.50 -24.07 -9.18
N GLU A 94 16.64 -24.56 -9.66
CA GLU A 94 16.72 -25.90 -10.23
C GLU A 94 16.23 -26.93 -9.22
N PRO A 95 15.55 -28.01 -9.66
CA PRO A 95 15.26 -28.43 -11.03
C PRO A 95 13.88 -28.04 -11.55
N TRP A 96 13.27 -27.00 -10.97
CA TRP A 96 11.96 -26.53 -11.37
C TRP A 96 12.02 -25.18 -12.07
N GLU A 97 13.13 -24.92 -12.75
CA GLU A 97 13.36 -23.60 -13.35
C GLU A 97 12.44 -23.32 -14.53
N ASP A 98 11.87 -24.35 -15.16
CA ASP A 98 11.03 -24.17 -16.33
C ASP A 98 9.54 -24.27 -16.01
N VAL A 99 9.17 -24.57 -14.78
CA VAL A 99 7.77 -24.70 -14.41
C VAL A 99 7.16 -23.30 -14.25
N TRP A 100 6.10 -23.02 -15.00
CA TRP A 100 5.35 -21.80 -14.78
C TRP A 100 4.42 -21.95 -13.57
N PHE A 101 3.56 -22.96 -13.60
CA PHE A 101 2.68 -23.27 -12.48
C PHE A 101 2.31 -24.74 -12.51
N GLU A 102 2.16 -25.31 -11.33
CA GLU A 102 1.47 -26.59 -11.16
C GLU A 102 0.03 -26.29 -10.76
N TRP A 103 -0.91 -27.01 -11.37
CA TRP A 103 -2.33 -26.78 -11.16
C TRP A 103 -2.88 -27.81 -10.18
N ARG A 104 -3.61 -27.34 -9.18
CA ARG A 104 -4.08 -28.19 -8.10
C ARG A 104 -5.52 -27.87 -7.75
N ARG A 105 -6.23 -28.88 -7.26
CA ARG A 105 -7.57 -28.67 -6.72
C ARG A 105 -7.49 -27.96 -5.37
N GLY A 106 -8.30 -26.92 -5.19
CA GLY A 106 -8.33 -26.23 -3.91
C GLY A 106 -8.90 -27.04 -2.78
N SER A 107 -9.61 -28.13 -3.10
CA SER A 107 -10.28 -28.91 -2.06
C SER A 107 -9.34 -29.91 -1.40
N ASP A 108 -8.43 -30.52 -2.16
CA ASP A 108 -7.54 -31.52 -1.59
C ASP A 108 -6.11 -31.44 -2.11
N ALA A 109 -5.75 -30.36 -2.83
CA ALA A 109 -4.39 -30.15 -3.33
C ALA A 109 -3.93 -31.26 -4.26
N SER A 110 -4.86 -31.94 -4.92
CA SER A 110 -4.50 -33.00 -5.85
C SER A 110 -3.99 -32.41 -7.17
N TYR A 111 -3.09 -33.13 -7.81
CA TYR A 111 -2.40 -32.65 -9.00
C TYR A 111 -3.30 -32.69 -10.22
N LEU A 112 -3.39 -31.57 -10.94
CA LEU A 112 -4.18 -31.48 -12.16
C LEU A 112 -3.34 -31.37 -13.42
N GLY A 113 -2.09 -31.00 -13.31
CA GLY A 113 -1.24 -30.78 -14.47
C GLY A 113 -0.27 -29.65 -14.18
N ALA A 114 0.45 -29.25 -15.23
CA ALA A 114 1.44 -28.20 -15.10
C ALA A 114 1.61 -27.49 -16.45
N THR A 115 2.06 -26.25 -16.37
CA THR A 115 2.40 -25.45 -17.54
C THR A 115 3.89 -25.17 -17.52
N ILE A 116 4.57 -25.49 -18.62
CA ILE A 116 6.02 -25.38 -18.72
C ILE A 116 6.38 -24.24 -19.65
N ALA A 117 7.30 -23.38 -19.23
CA ALA A 117 7.85 -22.30 -20.04
C ALA A 117 9.35 -22.53 -20.16
N PRO A 118 9.79 -23.29 -21.17
CA PRO A 118 11.20 -23.69 -21.23
C PRO A 118 12.14 -22.49 -21.26
N GLY A 119 13.17 -22.54 -20.43
CA GLY A 119 14.16 -21.49 -20.34
C GLY A 119 13.72 -20.24 -19.61
N VAL A 120 12.47 -20.20 -19.11
CA VAL A 120 11.97 -19.03 -18.42
C VAL A 120 11.32 -19.45 -17.10
N GLY A 121 10.31 -20.32 -17.20
CA GLY A 121 9.60 -20.73 -15.99
C GLY A 121 8.81 -19.58 -15.39
N GLN A 122 8.86 -19.48 -14.07
CA GLN A 122 8.19 -18.41 -13.33
C GLN A 122 9.21 -17.33 -13.01
N SER A 123 9.07 -16.18 -13.66
CA SER A 123 9.98 -15.05 -13.49
C SER A 123 9.19 -13.84 -13.02
N SER A 124 9.61 -13.25 -11.90
CA SER A 124 8.90 -12.14 -11.29
C SER A 124 9.91 -11.15 -10.73
N VAL A 125 9.39 -10.00 -10.28
CA VAL A 125 10.26 -8.97 -9.72
C VAL A 125 9.42 -8.03 -8.87
N HIS A 126 10.03 -7.48 -7.82
CA HIS A 126 9.51 -6.30 -7.17
C HIS A 126 9.58 -5.13 -8.14
N ARG A 127 8.42 -4.54 -8.45
CA ARG A 127 8.34 -3.55 -9.53
C ARG A 127 9.36 -2.42 -9.33
N ALA A 128 9.46 -1.90 -8.11
CA ALA A 128 10.38 -0.81 -7.85
C ALA A 128 11.83 -1.23 -8.07
N ASP A 129 12.15 -2.50 -7.83
CA ASP A 129 13.52 -2.98 -8.04
C ASP A 129 13.92 -2.89 -9.51
N PHE A 130 13.02 -3.28 -10.41
CA PHE A 130 13.34 -3.29 -11.83
C PHE A 130 13.35 -1.88 -12.41
N ILE A 131 12.40 -1.03 -12.00
CA ILE A 131 12.38 0.35 -12.46
C ILE A 131 13.66 1.06 -12.02
N ASP A 132 14.05 0.88 -10.76
CA ASP A 132 15.26 1.51 -10.26
C ASP A 132 16.49 1.02 -11.01
N ALA A 133 16.56 -0.29 -11.30
CA ALA A 133 17.71 -0.82 -12.03
C ALA A 133 17.78 -0.25 -13.44
N LEU A 134 16.63 -0.10 -14.10
CA LEU A 134 16.62 0.47 -15.44
C LEU A 134 17.00 1.94 -15.43
N VAL A 135 16.55 2.68 -14.41
CA VAL A 135 16.80 4.12 -14.35
C VAL A 135 18.29 4.40 -14.18
N THR A 136 18.98 3.57 -13.40
CA THR A 136 20.41 3.79 -13.17
C THR A 136 21.24 3.66 -14.45
N HIS A 137 20.73 2.97 -15.47
CA HIS A 137 21.44 2.82 -16.73
C HIS A 137 21.14 3.94 -17.72
N LEU A 138 20.26 4.87 -17.37
CA LEU A 138 19.96 5.98 -18.26
C LEU A 138 21.18 6.88 -18.41
N PRO A 139 21.56 7.27 -19.61
CA PRO A 139 22.64 8.25 -19.77
C PRO A 139 22.24 9.59 -19.18
N GLU A 140 23.25 10.40 -18.88
CA GLU A 140 23.01 11.70 -18.28
C GLU A 140 22.26 12.60 -19.26
N GLY A 141 21.31 13.36 -18.73
CA GLY A 141 20.55 14.31 -19.51
C GLY A 141 19.28 13.78 -20.14
N ILE A 142 19.01 12.48 -20.02
CA ILE A 142 17.78 11.93 -20.61
C ILE A 142 16.60 12.12 -19.67
N ALA A 143 16.78 11.75 -18.40
CA ALA A 143 15.72 11.93 -17.41
C ALA A 143 15.56 13.40 -17.08
N GLN A 144 14.33 13.88 -17.10
CA GLN A 144 13.99 15.25 -16.72
C GLN A 144 12.91 15.20 -15.63
N PHE A 145 13.27 14.63 -14.48
CA PHE A 145 12.32 14.43 -13.40
C PHE A 145 12.19 15.71 -12.58
N GLY A 146 11.33 15.65 -11.56
CA GLY A 146 11.10 16.80 -10.70
C GLY A 146 10.14 17.82 -11.24
N LYS A 147 9.46 17.55 -12.35
CA LYS A 147 8.49 18.47 -12.92
C LYS A 147 7.37 17.67 -13.56
N ARG A 148 6.20 18.29 -13.64
CA ARG A 148 5.00 17.64 -14.15
C ARG A 148 4.43 18.45 -15.31
N ALA A 149 3.89 17.75 -16.31
CA ALA A 149 3.29 18.41 -17.45
C ALA A 149 1.95 19.03 -17.06
N THR A 150 1.77 20.31 -17.39
CA THR A 150 0.52 21.00 -17.14
C THR A 150 -0.30 21.26 -18.39
N GLN A 151 0.34 21.32 -19.56
CA GLN A 151 -0.33 21.56 -20.82
C GLN A 151 0.31 20.72 -21.91
N VAL A 152 -0.51 20.11 -22.76
CA VAL A 152 -0.05 19.34 -23.91
C VAL A 152 -0.86 19.75 -25.11
N GLU A 153 -0.18 20.26 -26.15
CA GLU A 153 -0.84 20.66 -27.38
C GLU A 153 -0.01 20.18 -28.56
N GLN A 154 -0.66 20.04 -29.72
CA GLN A 154 0.03 19.68 -30.94
C GLN A 154 -0.63 20.36 -32.12
N GLN A 155 0.18 20.69 -33.13
CA GLN A 155 -0.31 21.35 -34.33
C GLN A 155 0.71 21.16 -35.44
N GLY A 156 0.32 20.49 -36.51
CA GLY A 156 1.21 20.33 -37.67
C GLY A 156 2.42 19.46 -37.45
N GLY A 157 2.26 18.31 -36.79
CA GLY A 157 3.33 17.36 -36.62
C GLY A 157 4.28 17.64 -35.49
N GLU A 158 4.03 18.65 -34.66
CA GLU A 158 4.85 18.93 -33.49
C GLU A 158 3.99 19.00 -32.26
N VAL A 159 4.52 18.49 -31.15
CA VAL A 159 3.82 18.47 -29.87
C VAL A 159 4.55 19.43 -28.92
N GLN A 160 3.78 20.23 -28.19
CA GLN A 160 4.34 21.12 -27.18
CA GLN A 160 4.31 21.16 -27.19
C GLN A 160 3.84 20.72 -25.81
N VAL A 161 4.76 20.65 -24.86
CA VAL A 161 4.45 20.24 -23.49
C VAL A 161 4.99 21.31 -22.54
N LEU A 162 4.10 21.85 -21.70
CA LEU A 162 4.47 22.85 -20.71
C LEU A 162 4.52 22.21 -19.33
N PHE A 163 5.55 22.57 -18.56
CA PHE A 163 5.82 21.92 -17.28
C PHE A 163 5.64 22.89 -16.12
N THR A 164 5.66 22.32 -14.92
CA THR A 164 5.45 23.09 -13.69
C THR A 164 6.58 24.08 -13.41
N ASP A 165 7.76 23.86 -13.96
CA ASP A 165 8.90 24.75 -13.73
C ASP A 165 9.01 25.85 -14.78
N GLY A 166 8.01 25.98 -15.65
CA GLY A 166 8.02 26.99 -16.70
C GLY A 166 8.70 26.57 -17.97
N THR A 167 9.42 25.44 -17.98
CA THR A 167 10.07 24.98 -19.19
C THR A 167 9.05 24.39 -20.16
N GLU A 168 9.39 24.42 -21.43
CA GLU A 168 8.56 23.85 -22.48
C GLU A 168 9.41 22.89 -23.32
N TYR A 169 8.84 21.73 -23.62
CA TYR A 169 9.48 20.73 -24.46
C TYR A 169 8.61 20.49 -25.69
N ARG A 170 9.23 20.56 -26.86
CA ARG A 170 8.55 20.34 -28.13
C ARG A 170 9.28 19.27 -28.92
N CYS A 171 8.50 18.35 -29.49
CA CYS A 171 9.04 17.14 -30.07
C CYS A 171 8.19 16.72 -31.26
N ASP A 172 8.73 15.77 -32.03
CA ASP A 172 7.98 15.20 -33.14
C ASP A 172 7.06 14.08 -32.71
N LEU A 173 7.24 13.55 -31.50
CA LEU A 173 6.45 12.42 -31.03
C LEU A 173 6.45 12.42 -29.52
N LEU A 174 5.27 12.24 -28.92
CA LEU A 174 5.10 12.17 -27.48
C LEU A 174 4.53 10.82 -27.11
N ILE A 175 5.24 10.07 -26.28
CA ILE A 175 4.84 8.73 -25.88
C ILE A 175 4.09 8.81 -24.55
N GLY A 176 2.86 8.31 -24.53
CA GLY A 176 2.11 8.22 -23.30
C GLY A 176 2.30 6.89 -22.59
N ALA A 177 3.22 6.84 -21.64
CA ALA A 177 3.52 5.64 -20.87
C ALA A 177 3.23 5.86 -19.40
N ASP A 178 2.11 6.50 -19.08
CA ASP A 178 1.81 6.97 -17.73
C ASP A 178 0.80 6.10 -17.00
N GLY A 179 0.67 4.82 -17.39
CA GLY A 179 -0.06 3.86 -16.58
C GLY A 179 -1.56 3.84 -16.80
N ILE A 180 -2.22 3.02 -15.98
CA ILE A 180 -3.64 2.74 -16.15
C ILE A 180 -4.49 4.00 -15.99
N LYS A 181 -4.06 4.93 -15.14
CA LYS A 181 -4.75 6.21 -14.98
C LYS A 181 -4.05 7.30 -15.78
N SER A 182 -3.76 6.99 -17.04
CA SER A 182 -3.00 7.89 -17.91
C SER A 182 -3.76 9.19 -18.12
N ALA A 183 -3.07 10.31 -17.90
CA ALA A 183 -3.63 11.62 -18.25
C ALA A 183 -3.59 11.87 -19.75
N LEU A 184 -2.64 11.25 -20.45
CA LEU A 184 -2.51 11.45 -21.89
C LEU A 184 -3.51 10.63 -22.69
N ARG A 185 -4.12 9.61 -22.09
CA ARG A 185 -5.10 8.80 -22.82
C ARG A 185 -6.31 9.65 -23.20
N SER A 186 -6.73 10.56 -22.33
CA SER A 186 -7.85 11.43 -22.65
C SER A 186 -7.53 12.32 -23.84
N HIS A 187 -6.29 12.78 -23.94
CA HIS A 187 -5.87 13.56 -25.10
C HIS A 187 -5.97 12.75 -26.39
N VAL A 188 -5.66 11.46 -26.31
CA VAL A 188 -5.71 10.61 -27.49
C VAL A 188 -7.15 10.25 -27.84
N LEU A 189 -7.96 9.93 -26.83
CA LEU A 189 -9.34 9.53 -27.10
C LEU A 189 -10.18 10.72 -27.57
N GLU A 190 -9.95 11.91 -26.98
CA GLU A 190 -10.68 13.09 -27.42
C GLU A 190 -10.29 13.48 -28.83
N GLY A 191 -8.99 13.43 -29.16
CA GLY A 191 -8.55 13.85 -30.48
C GLY A 191 -9.15 13.00 -31.58
N GLN A 192 -9.34 11.70 -31.33
CA GLN A 192 -9.98 10.81 -32.28
C GLN A 192 -11.49 10.78 -32.12
N GLY A 193 -12.06 11.64 -31.28
CA GLY A 193 -13.49 11.70 -31.10
C GLY A 193 -14.11 10.52 -30.40
N LEU A 194 -13.31 9.65 -29.80
CA LEU A 194 -13.83 8.46 -29.14
C LEU A 194 -14.25 8.77 -27.70
N ALA A 195 -15.06 7.87 -27.14
CA ALA A 195 -15.54 8.04 -25.79
C ALA A 195 -14.39 7.86 -24.78
N PRO A 196 -14.42 8.59 -23.67
CA PRO A 196 -13.36 8.43 -22.66
C PRO A 196 -13.40 7.06 -22.02
N GLN A 197 -12.26 6.66 -21.45
CA GLN A 197 -12.08 5.35 -20.87
C GLN A 197 -11.37 5.48 -19.53
N VAL A 198 -11.99 4.97 -18.48
CA VAL A 198 -11.41 4.99 -17.13
C VAL A 198 -11.25 3.55 -16.69
N PRO A 199 -10.43 3.30 -15.66
CA PRO A 199 -10.28 1.92 -15.16
C PRO A 199 -11.61 1.36 -14.68
N ARG A 200 -11.81 0.06 -14.96
CA ARG A 200 -13.03 -0.65 -14.59
C ARG A 200 -12.70 -1.67 -13.51
N PHE A 201 -13.51 -1.70 -12.45
CA PHE A 201 -13.33 -2.69 -11.40
C PHE A 201 -13.81 -4.05 -11.88
N SER A 202 -12.95 -5.06 -11.77
CA SER A 202 -13.25 -6.37 -12.32
C SER A 202 -14.25 -7.16 -11.48
N GLY A 203 -14.44 -6.81 -10.21
CA GLY A 203 -15.17 -7.65 -9.30
C GLY A 203 -14.32 -8.68 -8.58
N THR A 204 -13.02 -8.71 -8.87
CA THR A 204 -12.08 -9.62 -8.22
C THR A 204 -11.18 -8.82 -7.29
N CYS A 205 -11.07 -9.27 -6.04
CA CYS A 205 -10.11 -8.75 -5.09
C CYS A 205 -9.07 -9.82 -4.77
N ALA A 206 -7.88 -9.39 -4.39
CA ALA A 206 -6.76 -10.29 -4.18
C ALA A 206 -6.07 -9.95 -2.85
N TYR A 207 -5.99 -10.94 -1.96
CA TYR A 207 -5.16 -10.81 -0.78
C TYR A 207 -3.71 -11.10 -1.13
N ARG A 208 -2.80 -10.30 -0.58
CA ARG A 208 -1.38 -10.42 -0.89
C ARG A 208 -0.57 -10.51 0.39
N GLY A 209 0.48 -11.34 0.35
CA GLY A 209 1.36 -11.48 1.49
C GLY A 209 2.51 -12.39 1.11
N MET A 210 3.46 -12.51 2.03
CA MET A 210 4.63 -13.36 1.84
CA MET A 210 4.64 -13.35 1.85
C MET A 210 4.84 -14.23 3.06
N VAL A 211 5.29 -15.46 2.83
CA VAL A 211 5.48 -16.45 3.89
C VAL A 211 6.90 -17.00 3.81
N ASP A 212 7.57 -17.09 4.96
CA ASP A 212 8.86 -17.74 5.03
C ASP A 212 8.73 -19.19 4.60
N SER A 213 9.63 -19.64 3.73
CA SER A 213 9.49 -20.95 3.11
C SER A 213 9.57 -22.07 4.14
N LEU A 214 10.46 -21.94 5.13
CA LEU A 214 10.56 -22.95 6.16
C LEU A 214 9.29 -23.00 7.01
N HIS A 215 8.71 -21.84 7.29
CA HIS A 215 7.45 -21.79 8.04
CA HIS A 215 7.45 -21.80 8.04
C HIS A 215 6.34 -22.52 7.30
N LEU A 216 6.26 -22.32 5.98
CA LEU A 216 5.21 -22.97 5.19
C LEU A 216 5.43 -24.47 5.11
N ARG A 217 6.70 -24.91 5.05
CA ARG A 217 7.00 -26.33 5.05
C ARG A 217 6.46 -27.01 6.30
N GLU A 218 6.73 -26.42 7.46
CA GLU A 218 6.26 -27.00 8.71
C GLU A 218 4.74 -26.95 8.83
N ALA A 219 4.11 -25.94 8.24
CA ALA A 219 2.65 -25.89 8.24
C ALA A 219 2.08 -26.94 7.30
N TYR A 220 2.72 -27.17 6.16
CA TYR A 220 2.25 -28.20 5.24
C TYR A 220 2.46 -29.59 5.82
N ARG A 221 3.62 -29.82 6.44
CA ARG A 221 3.92 -31.12 7.02
C ARG A 221 2.95 -31.48 8.14
N ALA A 222 2.47 -30.47 8.89
CA ALA A 222 1.53 -30.72 9.97
C ALA A 222 0.19 -31.24 9.48
N HIS A 223 -0.15 -31.02 8.22
CA HIS A 223 -1.39 -31.53 7.62
C HIS A 223 -1.11 -32.63 6.60
N GLY A 224 0.10 -33.18 6.60
CA GLY A 224 0.45 -34.22 5.65
C GLY A 224 0.52 -33.76 4.21
N ILE A 225 0.91 -32.51 3.98
CA ILE A 225 1.01 -31.95 2.63
C ILE A 225 2.45 -32.05 2.16
N ASP A 226 2.63 -32.41 0.90
CA ASP A 226 3.97 -32.59 0.35
C ASP A 226 4.75 -31.28 0.38
N GLU A 227 6.01 -31.37 0.80
CA GLU A 227 6.91 -30.23 0.76
C GLU A 227 7.16 -29.74 -0.66
N HIS A 228 6.86 -30.59 -1.65
CA HIS A 228 6.98 -30.21 -3.05
C HIS A 228 6.17 -28.95 -3.37
N LEU A 229 5.05 -28.74 -2.67
CA LEU A 229 4.17 -27.62 -2.95
C LEU A 229 4.74 -26.29 -2.50
N VAL A 230 5.83 -26.30 -1.72
CA VAL A 230 6.49 -25.06 -1.32
C VAL A 230 7.51 -24.61 -2.36
N ASP A 231 8.27 -25.55 -2.91
CA ASP A 231 9.38 -25.20 -3.79
C ASP A 231 8.96 -24.96 -5.24
N VAL A 232 7.79 -25.43 -5.65
CA VAL A 232 7.34 -25.29 -7.02
C VAL A 232 6.16 -24.33 -7.05
N PRO A 233 6.08 -23.41 -8.02
CA PRO A 233 4.92 -22.53 -8.10
C PRO A 233 3.63 -23.31 -8.23
N GLN A 234 2.62 -22.90 -7.46
CA GLN A 234 1.36 -23.61 -7.38
C GLN A 234 0.19 -22.65 -7.62
N MET A 235 -0.89 -23.19 -8.18
CA MET A 235 -2.16 -22.49 -8.31
CA MET A 235 -2.15 -22.48 -8.27
C MET A 235 -3.27 -23.43 -7.86
N TYR A 236 -3.99 -23.06 -6.81
CA TYR A 236 -5.09 -23.84 -6.29
C TYR A 236 -6.40 -23.30 -6.86
N LEU A 237 -7.12 -24.14 -7.60
CA LEU A 237 -8.30 -23.71 -8.32
C LEU A 237 -9.56 -24.11 -7.58
N GLY A 238 -10.55 -23.22 -7.58
CA GLY A 238 -11.82 -23.48 -6.93
C GLY A 238 -12.90 -22.62 -7.57
N LEU A 239 -14.12 -22.79 -7.08
CA LEU A 239 -15.25 -22.04 -7.62
C LEU A 239 -15.17 -20.58 -7.18
N ASP A 240 -15.08 -19.67 -8.14
CA ASP A 240 -15.09 -18.22 -7.91
C ASP A 240 -13.88 -17.77 -7.08
N GLY A 241 -12.75 -18.45 -7.23
CA GLY A 241 -11.55 -18.05 -6.51
C GLY A 241 -10.40 -18.98 -6.83
N HIS A 242 -9.19 -18.45 -6.66
CA HIS A 242 -7.99 -19.25 -6.84
C HIS A 242 -6.85 -18.58 -6.06
N ILE A 243 -5.87 -19.41 -5.70
CA ILE A 243 -4.73 -18.99 -4.89
C ILE A 243 -3.45 -19.43 -5.59
N LEU A 244 -2.52 -18.50 -5.75
CA LEU A 244 -1.23 -18.80 -6.35
C LEU A 244 -0.10 -18.56 -5.36
N THR A 245 0.94 -19.38 -5.45
CA THR A 245 2.17 -19.21 -4.70
C THR A 245 3.35 -19.48 -5.61
N PHE A 246 4.46 -18.80 -5.35
CA PHE A 246 5.72 -19.12 -6.02
C PHE A 246 6.86 -18.60 -5.17
N PRO A 247 8.01 -19.27 -5.17
CA PRO A 247 9.13 -18.84 -4.34
C PRO A 247 9.91 -17.71 -4.96
N VAL A 248 10.42 -16.83 -4.09
CA VAL A 248 11.29 -15.74 -4.47
C VAL A 248 12.51 -15.77 -3.54
N ARG A 249 13.49 -14.93 -3.86
CA ARG A 249 14.70 -14.77 -3.05
C ARG A 249 15.38 -16.13 -2.80
N ASN A 250 15.73 -16.78 -3.92
CA ASN A 250 16.40 -18.08 -3.88
C ASN A 250 15.57 -19.13 -3.14
N GLY A 251 14.25 -18.99 -3.14
CA GLY A 251 13.39 -19.95 -2.49
C GLY A 251 13.20 -19.77 -1.00
N GLY A 252 13.73 -18.71 -0.42
CA GLY A 252 13.57 -18.47 1.01
C GLY A 252 12.27 -17.82 1.41
N ILE A 253 11.52 -17.28 0.45
CA ILE A 253 10.26 -16.58 0.71
C ILE A 253 9.25 -17.03 -0.33
N ILE A 254 8.01 -17.22 0.09
CA ILE A 254 6.92 -17.65 -0.79
C ILE A 254 5.94 -16.48 -0.94
N ASN A 255 5.79 -15.99 -2.17
CA ASN A 255 4.82 -14.95 -2.45
C ASN A 255 3.45 -15.57 -2.69
N VAL A 256 2.41 -14.93 -2.14
CA VAL A 256 1.06 -15.49 -2.13
C VAL A 256 0.08 -14.43 -2.63
N VAL A 257 -0.79 -14.82 -3.56
CA VAL A 257 -1.91 -13.99 -4.00
C VAL A 257 -3.16 -14.86 -4.00
N ALA A 258 -4.16 -14.46 -3.23
CA ALA A 258 -5.40 -15.22 -3.08
C ALA A 258 -6.55 -14.41 -3.66
N PHE A 259 -7.14 -14.90 -4.74
CA PHE A 259 -8.16 -14.17 -5.49
C PHE A 259 -9.56 -14.59 -5.06
N ILE A 260 -10.44 -13.59 -4.92
CA ILE A 260 -11.86 -13.82 -4.65
C ILE A 260 -12.66 -12.99 -5.64
N SER A 261 -13.56 -13.64 -6.36
CA SER A 261 -14.37 -12.98 -7.38
C SER A 261 -15.84 -13.00 -7.01
N ASP A 262 -16.49 -11.86 -7.19
CA ASP A 262 -17.93 -11.72 -6.99
C ASP A 262 -18.58 -11.60 -8.37
N ARG A 263 -19.16 -12.71 -8.84
CA ARG A 263 -19.83 -12.74 -10.12
C ARG A 263 -21.33 -12.55 -10.00
N SER A 264 -21.80 -11.99 -8.89
CA SER A 264 -23.21 -11.75 -8.71
C SER A 264 -23.70 -10.64 -9.63
N GLU A 265 -25.02 -10.60 -9.80
CA GLU A 265 -25.81 -9.72 -10.66
C GLU A 265 -25.23 -8.32 -10.90
N PRO A 266 -24.89 -7.53 -9.85
CA PRO A 266 -24.66 -6.10 -10.05
C PRO A 266 -23.63 -5.72 -11.12
N LYS A 267 -22.64 -6.56 -11.41
CA LYS A 267 -21.40 -6.11 -12.04
C LYS A 267 -20.82 -5.05 -11.11
N PRO A 268 -20.05 -5.46 -10.11
CA PRO A 268 -19.80 -4.59 -8.96
C PRO A 268 -18.98 -3.36 -9.31
N THR A 269 -18.92 -2.45 -8.34
CA THR A 269 -18.18 -1.22 -8.45
C THR A 269 -17.25 -1.07 -7.25
N TRP A 270 -16.29 -0.18 -7.37
CA TRP A 270 -15.39 0.18 -6.29
C TRP A 270 -15.65 1.63 -5.87
N PRO A 271 -15.67 1.92 -4.57
CA PRO A 271 -16.00 3.28 -4.13
C PRO A 271 -15.07 4.31 -4.75
N ALA A 272 -15.66 5.42 -5.20
CA ALA A 272 -14.91 6.42 -5.96
C ALA A 272 -13.82 7.07 -5.11
N ASP A 273 -14.02 7.16 -3.79
CA ASP A 273 -13.07 7.77 -2.89
C ASP A 273 -12.20 6.74 -2.16
N ALA A 274 -12.14 5.50 -2.67
CA ALA A 274 -11.41 4.44 -2.00
C ALA A 274 -10.21 4.02 -2.84
N PRO A 275 -9.01 4.03 -2.26
CA PRO A 275 -7.85 3.46 -2.96
C PRO A 275 -8.08 1.97 -3.26
N TRP A 276 -7.32 1.48 -4.24
CA TRP A 276 -7.46 0.09 -4.68
C TRP A 276 -6.77 -0.89 -3.75
N VAL A 277 -6.22 -0.42 -2.63
CA VAL A 277 -5.51 -1.28 -1.69
C VAL A 277 -5.86 -0.85 -0.27
N ARG A 278 -5.99 -1.83 0.63
CA ARG A 278 -6.23 -1.55 2.04
C ARG A 278 -5.68 -2.71 2.86
N GLU A 279 -5.46 -2.43 4.14
CA GLU A 279 -5.14 -3.49 5.07
C GLU A 279 -6.31 -4.47 5.17
N ALA A 280 -5.98 -5.75 5.28
CA ALA A 280 -6.98 -6.79 5.48
C ALA A 280 -6.76 -7.46 6.82
N SER A 281 -7.86 -7.85 7.47
CA SER A 281 -7.76 -8.62 8.70
C SER A 281 -7.56 -10.09 8.36
N GLN A 282 -6.85 -10.79 9.26
CA GLN A 282 -6.65 -12.23 9.05
C GLN A 282 -7.98 -12.97 9.04
N ARG A 283 -8.93 -12.54 9.90
CA ARG A 283 -10.20 -13.23 9.99
C ARG A 283 -10.98 -13.16 8.68
N GLU A 284 -11.08 -11.96 8.10
CA GLU A 284 -11.85 -11.82 6.86
C GLU A 284 -11.21 -12.59 5.71
N MET A 285 -9.89 -12.72 5.70
CA MET A 285 -9.22 -13.47 4.64
C MET A 285 -9.49 -14.96 4.80
N LEU A 286 -9.34 -15.50 6.01
CA LEU A 286 -9.61 -16.92 6.24
C LEU A 286 -11.08 -17.24 6.02
N ASP A 287 -11.98 -16.35 6.43
CA ASP A 287 -13.40 -16.58 6.23
CA ASP A 287 -13.41 -16.57 6.23
C ASP A 287 -13.76 -16.59 4.75
N ALA A 288 -13.09 -15.77 3.94
CA ALA A 288 -13.37 -15.74 2.51
C ALA A 288 -13.06 -17.07 1.84
N PHE A 289 -12.08 -17.81 2.37
CA PHE A 289 -11.72 -19.12 1.84
C PHE A 289 -12.16 -20.24 2.78
N ALA A 290 -13.23 -20.02 3.53
CA ALA A 290 -13.84 -21.10 4.30
C ALA A 290 -14.43 -22.13 3.35
N GLY A 291 -14.17 -23.40 3.63
CA GLY A 291 -14.56 -24.48 2.74
C GLY A 291 -13.49 -24.93 1.79
N TRP A 292 -12.35 -24.24 1.74
CA TRP A 292 -11.23 -24.68 0.94
C TRP A 292 -10.44 -25.75 1.69
N GLY A 293 -9.54 -26.41 0.96
CA GLY A 293 -8.80 -27.54 1.49
C GLY A 293 -7.83 -27.17 2.59
N ASP A 294 -7.23 -28.22 3.16
CA ASP A 294 -6.30 -28.03 4.27
C ASP A 294 -5.04 -27.30 3.83
N ALA A 295 -4.56 -27.58 2.62
CA ALA A 295 -3.34 -26.94 2.15
C ALA A 295 -3.55 -25.44 1.93
N ALA A 296 -4.70 -25.06 1.36
CA ALA A 296 -4.97 -23.65 1.10
C ALA A 296 -5.14 -22.87 2.39
N ARG A 297 -5.91 -23.41 3.34
CA ARG A 297 -6.19 -22.68 4.58
C ARG A 297 -4.95 -22.61 5.46
N ALA A 298 -4.15 -23.67 5.49
CA ALA A 298 -2.90 -23.63 6.26
C ALA A 298 -1.94 -22.61 5.69
N LEU A 299 -1.93 -22.45 4.37
CA LEU A 299 -1.09 -21.44 3.73
C LEU A 299 -1.55 -20.04 4.10
N LEU A 300 -2.86 -19.78 4.03
CA LEU A 300 -3.37 -18.45 4.33
C LEU A 300 -3.16 -18.08 5.79
N GLU A 301 -3.20 -19.06 6.70
CA GLU A 301 -2.96 -18.77 8.11
C GLU A 301 -1.53 -18.31 8.37
N CYS A 302 -0.61 -18.60 7.47
CA CYS A 302 0.78 -18.19 7.64
C CYS A 302 1.04 -16.76 7.20
N ILE A 303 0.10 -16.12 6.51
CA ILE A 303 0.33 -14.79 5.94
C ILE A 303 0.26 -13.74 7.03
N PRO A 304 1.34 -12.98 7.27
CA PRO A 304 1.28 -11.89 8.23
C PRO A 304 0.91 -10.57 7.57
N ALA A 305 0.15 -9.76 8.31
CA ALA A 305 -0.29 -8.43 7.91
C ALA A 305 -0.79 -8.41 6.45
N PRO A 306 -1.86 -9.13 6.14
CA PRO A 306 -2.31 -9.20 4.75
C PRO A 306 -2.93 -7.90 4.28
N THR A 307 -2.82 -7.66 2.98
CA THR A 307 -3.46 -6.53 2.32
C THR A 307 -4.42 -7.04 1.26
N LEU A 308 -5.41 -6.21 0.93
CA LEU A 308 -6.40 -6.53 -0.09
C LEU A 308 -6.30 -5.55 -1.23
N TRP A 309 -6.38 -6.05 -2.46
CA TRP A 309 -6.18 -5.25 -3.67
C TRP A 309 -7.38 -5.40 -4.58
N ALA A 310 -7.96 -4.28 -5.00
CA ALA A 310 -9.07 -4.27 -5.94
C ALA A 310 -8.51 -4.26 -7.37
N LEU A 311 -8.72 -5.36 -8.08
CA LEU A 311 -8.11 -5.54 -9.40
C LEU A 311 -8.92 -4.77 -10.45
N HIS A 312 -8.25 -3.86 -11.14
CA HIS A 312 -8.84 -3.08 -12.22
C HIS A 312 -8.13 -3.38 -13.52
N ASP A 313 -8.82 -3.12 -14.64
CA ASP A 313 -8.20 -3.15 -15.96
C ASP A 313 -8.81 -2.04 -16.81
N LEU A 314 -8.37 -1.97 -18.05
CA LEU A 314 -8.85 -0.98 -19.00
C LEU A 314 -9.58 -1.69 -20.14
N ALA A 315 -10.55 -1.00 -20.72
CA ALA A 315 -11.23 -1.55 -21.88
C ALA A 315 -10.28 -1.62 -23.07
N GLU A 316 -10.67 -2.38 -24.08
CA GLU A 316 -9.90 -2.47 -25.32
C GLU A 316 -10.14 -1.20 -26.12
N LEU A 317 -9.09 -0.40 -26.29
CA LEU A 317 -9.23 0.90 -26.96
C LEU A 317 -9.37 0.71 -28.46
N PRO A 318 -10.18 1.54 -29.14
CA PRO A 318 -10.26 1.46 -30.60
C PRO A 318 -9.01 1.97 -31.31
N GLY A 319 -8.19 2.78 -30.64
CA GLY A 319 -6.97 3.28 -31.25
C GLY A 319 -6.04 3.82 -30.20
N TYR A 320 -4.73 3.70 -30.47
CA TYR A 320 -3.70 4.15 -29.54
C TYR A 320 -3.05 5.46 -29.95
N VAL A 321 -3.42 6.03 -31.09
CA VAL A 321 -2.70 7.14 -31.69
C VAL A 321 -3.65 8.28 -31.97
N HIS A 322 -3.23 9.50 -31.66
CA HIS A 322 -3.87 10.72 -32.15
C HIS A 322 -2.78 11.70 -32.53
N GLY A 323 -2.60 11.90 -33.84
CA GLY A 323 -1.56 12.79 -34.33
C GLY A 323 -0.17 12.28 -33.99
N ARG A 324 0.54 13.01 -33.13
CA ARG A 324 1.89 12.64 -32.72
C ARG A 324 1.94 12.23 -31.25
N VAL A 325 0.81 11.82 -30.67
CA VAL A 325 0.74 11.31 -29.31
C VAL A 325 0.26 9.86 -29.38
N VAL A 326 1.00 8.96 -28.74
CA VAL A 326 0.75 7.53 -28.83
C VAL A 326 0.86 6.91 -27.45
N LEU A 327 -0.04 6.00 -27.13
CA LEU A 327 -0.09 5.34 -25.83
C LEU A 327 0.59 3.97 -25.90
N ILE A 328 1.34 3.64 -24.85
CA ILE A 328 1.96 2.32 -24.71
C ILE A 328 1.75 1.84 -23.28
N GLY A 329 1.95 0.53 -23.10
CA GLY A 329 1.86 -0.04 -21.77
C GLY A 329 0.45 -0.02 -21.20
N ASP A 330 0.37 0.10 -19.87
CA ASP A 330 -0.91 0.09 -19.19
C ASP A 330 -1.79 1.25 -19.62
N ALA A 331 -1.18 2.35 -20.08
CA ALA A 331 -1.96 3.48 -20.59
C ALA A 331 -2.83 3.07 -21.77
N ALA A 332 -2.35 2.11 -22.57
CA ALA A 332 -3.08 1.66 -23.76
C ALA A 332 -3.88 0.39 -23.53
N HIS A 333 -3.41 -0.51 -22.66
CA HIS A 333 -3.99 -1.86 -22.59
C HIS A 333 -3.77 -2.48 -21.21
N ALA A 334 -4.14 -1.75 -20.16
CA ALA A 334 -4.09 -2.33 -18.82
C ALA A 334 -5.02 -3.53 -18.74
N MET A 335 -4.53 -4.59 -18.09
CA MET A 335 -5.23 -5.88 -18.13
C MET A 335 -5.19 -6.54 -16.77
N LEU A 336 -6.00 -7.59 -16.62
CA LEU A 336 -5.96 -8.41 -15.43
C LEU A 336 -4.72 -9.29 -15.44
N PRO A 337 -4.22 -9.67 -14.26
CA PRO A 337 -2.92 -10.35 -14.18
C PRO A 337 -2.93 -11.86 -14.40
N HIS A 338 -4.05 -12.43 -14.87
CA HIS A 338 -4.20 -13.89 -14.86
C HIS A 338 -3.28 -14.60 -15.84
N GLN A 339 -2.73 -13.90 -16.83
CA GLN A 339 -1.78 -14.48 -17.76
C GLN A 339 -0.37 -13.93 -17.56
N GLY A 340 -0.14 -13.16 -16.50
CA GLY A 340 1.15 -12.56 -16.23
C GLY A 340 1.70 -11.77 -17.39
N ALA A 341 0.81 -11.17 -18.18
CA ALA A 341 1.17 -10.63 -19.49
C ALA A 341 1.22 -9.11 -19.56
N GLY A 342 0.77 -8.40 -18.53
CA GLY A 342 0.73 -6.96 -18.55
C GLY A 342 2.08 -6.31 -18.84
N ALA A 343 3.09 -6.64 -18.05
CA ALA A 343 4.41 -6.05 -18.25
C ALA A 343 4.99 -6.42 -19.60
N GLY A 344 4.80 -7.67 -20.04
CA GLY A 344 5.35 -8.10 -21.31
C GLY A 344 4.75 -7.39 -22.50
N GLN A 345 3.47 -7.01 -22.42
CA GLN A 345 2.84 -6.28 -23.52
C GLN A 345 3.38 -4.87 -23.65
N GLY A 346 3.70 -4.23 -22.52
CA GLY A 346 4.36 -2.94 -22.58
C GLY A 346 5.77 -3.03 -23.12
N LEU A 347 6.48 -4.12 -22.82
CA LEU A 347 7.81 -4.33 -23.38
C LEU A 347 7.74 -4.63 -24.87
N GLU A 348 6.72 -5.35 -25.31
CA GLU A 348 6.51 -5.56 -26.74
C GLU A 348 6.20 -4.24 -27.45
N ASP A 349 5.49 -3.33 -26.80
CA ASP A 349 5.27 -2.00 -27.36
C ASP A 349 6.59 -1.27 -27.53
N ALA A 350 7.45 -1.32 -26.51
CA ALA A 350 8.71 -0.59 -26.55
C ALA A 350 9.63 -1.14 -27.63
N TYR A 351 9.73 -2.47 -27.75
CA TYR A 351 10.60 -3.06 -28.75
C TYR A 351 10.09 -2.77 -30.16
N PHE A 352 8.78 -2.89 -30.37
CA PHE A 352 8.22 -2.63 -31.69
C PHE A 352 8.46 -1.19 -32.14
N LEU A 353 8.25 -0.23 -31.24
CA LEU A 353 8.41 1.17 -31.61
C LEU A 353 9.87 1.54 -31.77
N ALA A 354 10.74 1.08 -30.87
CA ALA A 354 12.15 1.44 -30.93
C ALA A 354 12.83 0.86 -32.16
N ARG A 355 12.34 -0.27 -32.67
CA ARG A 355 12.94 -0.83 -33.88
C ARG A 355 12.55 -0.03 -35.11
N LEU A 356 11.32 0.47 -35.17
CA LEU A 356 10.90 1.29 -36.29
C LEU A 356 11.46 2.71 -36.18
N LEU A 357 11.40 3.30 -34.98
CA LEU A 357 11.93 4.66 -34.81
C LEU A 357 13.45 4.68 -34.95
N GLY A 358 14.12 3.63 -34.48
CA GLY A 358 15.56 3.56 -34.61
C GLY A 358 16.05 3.25 -36.02
N ASP A 359 15.16 2.91 -36.93
CA ASP A 359 15.54 2.64 -38.31
C ASP A 359 16.05 3.91 -38.98
N THR A 360 16.99 3.74 -39.90
CA THR A 360 17.54 4.87 -40.64
C THR A 360 16.46 5.55 -41.48
N GLN A 361 15.55 4.75 -42.05
CA GLN A 361 14.51 5.28 -42.93
C GLN A 361 13.42 6.03 -42.18
N ALA A 362 13.50 6.12 -40.86
CA ALA A 362 12.47 6.81 -40.09
C ALA A 362 12.76 8.30 -40.04
N ASP A 363 11.77 9.10 -40.44
CA ASP A 363 11.87 10.56 -40.35
C ASP A 363 10.51 11.11 -39.95
N ALA A 364 10.45 12.43 -39.75
CA ALA A 364 9.19 13.08 -39.43
C ALA A 364 8.21 13.04 -40.59
N GLY A 365 8.69 12.77 -41.81
CA GLY A 365 7.80 12.71 -42.95
C GLY A 365 6.96 11.45 -43.01
N ASN A 366 7.52 10.33 -42.56
CA ASN A 366 6.80 9.05 -42.55
C ASN A 366 6.40 8.63 -41.14
N LEU A 367 6.43 9.56 -40.18
CA LEU A 367 6.13 9.20 -38.80
C LEU A 367 4.66 8.81 -38.64
N ALA A 368 3.75 9.54 -39.28
CA ALA A 368 2.33 9.18 -39.22
C ALA A 368 2.11 7.79 -39.79
N GLU A 369 2.84 7.43 -40.85
CA GLU A 369 2.79 6.08 -41.38
C GLU A 369 3.32 5.08 -40.36
N LEU A 370 4.42 5.42 -39.68
CA LEU A 370 4.99 4.54 -38.68
C LEU A 370 4.01 4.29 -37.54
N LEU A 371 3.33 5.34 -37.08
CA LEU A 371 2.39 5.19 -35.98
C LEU A 371 1.15 4.39 -36.39
N GLU A 372 0.79 4.45 -37.67
CA GLU A 372 -0.33 3.64 -38.16
C GLU A 372 0.03 2.16 -38.18
N ALA A 373 1.30 1.83 -38.44
CA ALA A 373 1.72 0.43 -38.36
C ALA A 373 1.70 -0.06 -36.92
N TYR A 374 2.07 0.80 -35.97
CA TYR A 374 1.98 0.43 -34.57
C TYR A 374 0.54 0.19 -34.16
N ASP A 375 -0.37 1.06 -34.61
CA ASP A 375 -1.78 0.94 -34.21
C ASP A 375 -2.45 -0.26 -34.89
N ASP A 376 -1.96 -0.65 -36.07
CA ASP A 376 -2.56 -1.77 -36.78
C ASP A 376 -1.98 -3.12 -36.40
N LEU A 377 -0.75 -3.15 -35.85
CA LEU A 377 -0.08 -4.40 -35.56
C LEU A 377 0.11 -4.66 -34.07
N ARG A 378 0.25 -3.63 -33.26
CA ARG A 378 0.42 -3.83 -31.82
C ARG A 378 -0.91 -3.86 -31.08
N ARG A 379 -1.84 -2.98 -31.46
CA ARG A 379 -3.12 -2.90 -30.75
C ARG A 379 -3.96 -4.17 -30.86
N PRO A 380 -4.14 -4.78 -32.03
CA PRO A 380 -4.97 -6.01 -32.07
C PRO A 380 -4.42 -7.13 -31.19
N ARG A 381 -3.11 -7.27 -31.10
CA ARG A 381 -2.54 -8.30 -30.23
C ARG A 381 -2.74 -7.94 -28.77
N ALA A 382 -2.45 -6.68 -28.40
CA ALA A 382 -2.59 -6.27 -27.01
C ALA A 382 -4.03 -6.38 -26.54
N CYS A 383 -4.98 -6.01 -27.39
CA CYS A 383 -6.39 -6.14 -27.02
C CYS A 383 -6.79 -7.59 -26.86
N ARG A 384 -6.26 -8.48 -27.69
CA ARG A 384 -6.52 -9.91 -27.54
C ARG A 384 -5.93 -10.44 -26.23
N VAL A 385 -4.79 -9.90 -25.80
CA VAL A 385 -4.22 -10.31 -24.53
C VAL A 385 -5.09 -9.80 -23.37
N GLN A 386 -5.64 -8.59 -23.51
CA GLN A 386 -6.59 -8.09 -22.52
C GLN A 386 -7.78 -9.02 -22.39
N GLN A 387 -8.36 -9.43 -23.53
CA GLN A 387 -9.53 -10.29 -23.51
C GLN A 387 -9.19 -11.68 -22.95
N THR A 388 -8.10 -12.27 -23.41
CA THR A 388 -7.74 -13.62 -22.96
C THR A 388 -7.32 -13.63 -21.50
N SER A 389 -6.83 -12.51 -20.97
CA SER A 389 -6.49 -12.45 -19.55
C SER A 389 -7.74 -12.56 -18.69
N TRP A 390 -8.83 -11.92 -19.11
CA TRP A 390 -10.09 -12.05 -18.38
C TRP A 390 -10.65 -13.47 -18.52
N GLU A 391 -10.59 -14.04 -19.72
CA GLU A 391 -11.11 -15.39 -19.93
C GLU A 391 -10.30 -16.41 -19.16
N THR A 392 -8.99 -16.20 -19.04
CA THR A 392 -8.15 -17.12 -18.28
C THR A 392 -8.52 -17.10 -16.79
N GLY A 393 -8.86 -15.93 -16.26
CA GLY A 393 -9.33 -15.86 -14.88
C GLY A 393 -10.63 -16.61 -14.67
N GLU A 394 -11.53 -16.54 -15.65
CA GLU A 394 -12.76 -17.34 -15.58
C GLU A 394 -12.44 -18.82 -15.59
N LEU A 395 -11.43 -19.23 -16.35
CA LEU A 395 -11.05 -20.64 -16.40
C LEU A 395 -10.46 -21.10 -15.07
N TYR A 396 -9.62 -20.28 -14.45
CA TYR A 396 -9.03 -20.62 -13.15
C TYR A 396 -10.11 -20.93 -12.12
N GLU A 397 -11.21 -20.18 -12.16
CA GLU A 397 -12.23 -20.24 -11.12
C GLU A 397 -13.46 -21.03 -11.57
N LEU A 398 -13.27 -21.97 -12.49
CA LEU A 398 -14.28 -22.98 -12.84
C LEU A 398 -15.54 -22.34 -13.40
N ARG A 399 -15.37 -21.28 -14.19
CA ARG A 399 -16.49 -20.57 -14.79
C ARG A 399 -16.43 -20.51 -16.31
N ASP A 400 -15.51 -21.24 -16.93
CA ASP A 400 -15.45 -21.29 -18.39
C ASP A 400 -16.69 -21.99 -18.93
N PRO A 401 -17.35 -21.44 -19.96
CA PRO A 401 -18.63 -22.02 -20.41
C PRO A 401 -18.52 -23.42 -20.96
N VAL A 402 -17.35 -23.85 -21.42
CA VAL A 402 -17.16 -25.19 -21.96
C VAL A 402 -16.45 -26.09 -20.95
N VAL A 403 -15.36 -25.60 -20.36
CA VAL A 403 -14.56 -26.43 -19.46
C VAL A 403 -15.30 -26.66 -18.14
N GLY A 404 -15.77 -25.58 -17.53
CA GLY A 404 -16.42 -25.72 -16.22
C GLY A 404 -15.44 -26.27 -15.21
N ALA A 405 -15.78 -27.42 -14.63
CA ALA A 405 -14.93 -28.11 -13.67
C ALA A 405 -14.41 -29.44 -14.20
N ASN A 406 -14.40 -29.62 -15.52
CA ASN A 406 -13.85 -30.83 -16.14
C ASN A 406 -12.34 -30.80 -15.96
N GLU A 407 -11.84 -31.58 -15.00
CA GLU A 407 -10.42 -31.51 -14.64
C GLU A 407 -9.51 -31.99 -15.77
N GLN A 408 -9.94 -32.99 -16.54
CA GLN A 408 -9.12 -33.47 -17.63
CA GLN A 408 -9.12 -33.47 -17.63
C GLN A 408 -8.97 -32.41 -18.72
N LEU A 409 -10.07 -31.75 -19.08
CA LEU A 409 -10.00 -30.68 -20.07
C LEU A 409 -9.34 -29.44 -19.50
N LEU A 410 -9.58 -29.16 -18.22
CA LEU A 410 -8.96 -28.00 -17.57
C LEU A 410 -7.45 -28.13 -17.53
N GLY A 411 -6.96 -29.30 -17.11
CA GLY A 411 -5.52 -29.50 -17.03
C GLY A 411 -4.83 -29.51 -18.38
N GLU A 412 -5.50 -30.02 -19.41
CA GLU A 412 -4.89 -30.06 -20.74
C GLU A 412 -4.83 -28.67 -21.36
N ASN A 413 -5.90 -27.88 -21.22
CA ASN A 413 -5.92 -26.55 -21.81
C ASN A 413 -4.97 -25.60 -21.11
N LEU A 414 -4.80 -25.74 -19.80
CA LEU A 414 -3.89 -24.86 -19.06
C LEU A 414 -2.44 -25.06 -19.52
N ALA A 415 -2.11 -26.26 -19.99
CA ALA A 415 -0.75 -26.53 -20.43
C ALA A 415 -0.44 -25.89 -21.79
N THR A 416 -1.44 -25.55 -22.58
CA THR A 416 -1.24 -25.10 -23.95
C THR A 416 -1.74 -23.69 -24.24
N ARG A 417 -2.67 -23.15 -23.46
CA ARG A 417 -3.36 -21.92 -23.83
C ARG A 417 -2.49 -20.68 -23.74
N PHE A 418 -1.26 -20.79 -23.24
CA PHE A 418 -0.37 -19.63 -23.11
C PHE A 418 0.69 -19.57 -24.19
N ASP A 419 0.75 -20.56 -25.09
CA ASP A 419 1.85 -20.62 -26.05
C ASP A 419 1.74 -19.53 -27.10
N TRP A 420 0.52 -19.20 -27.53
CA TRP A 420 0.34 -18.12 -28.51
C TRP A 420 0.87 -16.79 -27.96
N LEU A 421 0.81 -16.61 -26.64
CA LEU A 421 1.32 -15.40 -26.03
C LEU A 421 2.84 -15.46 -25.86
N TRP A 422 3.34 -16.60 -25.37
CA TRP A 422 4.74 -16.69 -25.00
C TRP A 422 5.66 -16.79 -26.22
N ASN A 423 5.22 -17.51 -27.26
CA ASN A 423 6.08 -17.86 -28.38
C ASN A 423 5.83 -17.00 -29.61
N HIS A 424 5.15 -15.86 -29.45
CA HIS A 424 4.90 -14.97 -30.58
C HIS A 424 6.21 -14.32 -31.03
N ASP A 425 6.47 -14.38 -32.33
CA ASP A 425 7.66 -13.74 -32.91
C ASP A 425 7.29 -12.31 -33.26
N LEU A 426 7.77 -11.35 -32.46
CA LEU A 426 7.48 -9.95 -32.71
C LEU A 426 8.18 -9.43 -33.96
N ASP A 427 9.27 -10.07 -34.39
CA ASP A 427 9.97 -9.63 -35.58
C ASP A 427 9.17 -9.89 -36.87
N THR A 428 8.21 -10.82 -36.83
CA THR A 428 7.34 -10.99 -37.98
C THR A 428 6.35 -9.84 -38.11
N ASP A 429 5.93 -9.26 -36.98
CA ASP A 429 5.10 -8.06 -37.03
C ASP A 429 5.91 -6.87 -37.56
N LEU A 430 7.18 -6.77 -37.15
CA LEU A 430 8.03 -5.69 -37.65
C LEU A 430 8.30 -5.84 -39.15
N ALA A 431 8.52 -7.08 -39.60
CA ALA A 431 8.69 -7.31 -41.03
C ALA A 431 7.45 -6.93 -41.82
N GLU A 432 6.26 -7.13 -41.24
CA GLU A 432 5.04 -6.70 -41.89
C GLU A 432 4.90 -5.19 -41.87
N ALA A 433 5.36 -4.54 -40.80
CA ALA A 433 5.31 -3.07 -40.74
C ALA A 433 6.20 -2.45 -41.80
N ARG A 434 7.43 -2.97 -41.95
CA ARG A 434 8.34 -2.44 -42.96
C ARG A 434 7.79 -2.64 -44.36
N ALA A 435 7.18 -3.80 -44.63
CA ALA A 435 6.58 -4.04 -45.93
C ALA A 435 5.44 -3.07 -46.21
N ARG A 436 4.67 -2.69 -45.18
CA ARG A 436 3.63 -1.70 -45.37
C ARG A 436 4.22 -0.31 -45.59
N LEU A 437 5.37 -0.02 -44.99
CA LEU A 437 6.03 1.25 -45.18
C LEU A 437 6.88 1.31 -46.44
N GLY A 438 7.00 0.19 -47.16
CA GLY A 438 7.90 0.12 -48.30
C GLY A 438 9.33 0.42 -47.91
N TRP A 439 9.84 -0.34 -46.96
CA TRP A 439 11.10 -0.01 -46.29
C TRP A 439 12.18 -1.03 -46.61
N GLU A 440 13.36 -0.80 -46.04
CA GLU A 440 14.56 -1.61 -46.27
C GLU A 440 14.85 -1.78 -47.75
N GLY B 23 -33.88 10.18 25.56
CA GLY B 23 -32.56 9.58 25.48
C GLY B 23 -31.52 10.50 24.89
N LEU B 24 -30.63 9.94 24.07
CA LEU B 24 -29.56 10.71 23.45
C LEU B 24 -29.25 10.10 22.09
N ARG B 25 -29.37 10.89 21.03
CA ARG B 25 -29.00 10.47 19.68
C ARG B 25 -27.57 10.92 19.42
N ILE B 26 -26.66 9.96 19.27
CA ILE B 26 -25.25 10.22 19.07
C ILE B 26 -24.80 9.53 17.78
N GLY B 27 -24.32 10.32 16.82
CA GLY B 27 -23.80 9.80 15.57
C GLY B 27 -22.28 9.92 15.56
N ILE B 28 -21.62 8.86 15.06
CA ILE B 28 -20.17 8.82 14.98
C ILE B 28 -19.78 8.53 13.54
N VAL B 29 -18.94 9.39 12.97
CA VAL B 29 -18.41 9.20 11.63
C VAL B 29 -16.95 8.78 11.74
N GLY B 30 -16.55 7.83 10.90
CA GLY B 30 -15.20 7.30 10.96
C GLY B 30 -15.15 5.93 11.62
N GLY B 31 -14.66 4.94 10.88
CA GLY B 31 -14.62 3.58 11.38
C GLY B 31 -13.25 3.13 11.86
N GLY B 32 -12.39 4.08 12.20
CA GLY B 32 -11.10 3.75 12.75
C GLY B 32 -11.22 3.21 14.16
N ILE B 33 -10.07 3.14 14.84
CA ILE B 33 -10.03 2.59 16.19
C ILE B 33 -10.88 3.45 17.13
N SER B 34 -10.68 4.77 17.10
CA SER B 34 -11.36 5.66 18.04
C SER B 34 -12.87 5.63 17.85
N GLY B 35 -13.34 5.59 16.60
CA GLY B 35 -14.76 5.66 16.34
C GLY B 35 -15.50 4.42 16.83
N VAL B 36 -15.03 3.24 16.45
CA VAL B 36 -15.71 2.01 16.83
C VAL B 36 -15.56 1.74 18.33
N ALA B 37 -14.42 2.12 18.92
CA ALA B 37 -14.24 1.95 20.35
C ALA B 37 -15.26 2.78 21.14
N LEU B 38 -15.48 4.02 20.71
CA LEU B 38 -16.49 4.84 21.37
C LEU B 38 -17.89 4.28 21.16
N ALA B 39 -18.19 3.80 19.96
CA ALA B 39 -19.52 3.27 19.68
C ALA B 39 -19.81 2.02 20.49
N LEU B 40 -18.78 1.20 20.74
CA LEU B 40 -19.00 -0.05 21.47
C LEU B 40 -19.42 0.20 22.90
N GLU B 41 -18.79 1.18 23.56
CA GLU B 41 -19.14 1.46 24.96
C GLU B 41 -20.44 2.23 25.06
N LEU B 42 -20.67 3.19 24.16
CA LEU B 42 -21.90 3.98 24.20
C LEU B 42 -23.13 3.12 23.96
N CYS B 43 -23.00 2.05 23.17
CA CYS B 43 -24.13 1.18 22.88
C CYS B 43 -24.58 0.40 24.12
N ARG B 44 -23.75 0.30 25.15
CA ARG B 44 -24.10 -0.46 26.33
C ARG B 44 -25.18 0.20 27.16
N TYR B 45 -25.41 1.50 26.99
CA TYR B 45 -26.36 2.24 27.80
C TYR B 45 -27.71 2.29 27.12
N SER B 46 -28.78 2.11 27.90
CA SER B 46 -30.12 2.01 27.33
C SER B 46 -30.62 3.36 26.83
N HIS B 47 -30.13 4.46 27.39
CA HIS B 47 -30.60 5.79 27.04
C HIS B 47 -29.77 6.44 25.93
N ILE B 48 -29.00 5.66 25.19
CA ILE B 48 -28.14 6.18 24.12
C ILE B 48 -28.35 5.34 22.88
N GLN B 49 -28.77 5.99 21.79
CA GLN B 49 -28.92 5.35 20.49
C GLN B 49 -27.80 5.85 19.59
N VAL B 50 -26.96 4.92 19.11
CA VAL B 50 -25.75 5.25 18.37
C VAL B 50 -25.85 4.70 16.96
N GLN B 51 -25.45 5.52 15.99
CA GLN B 51 -25.29 5.09 14.60
C GLN B 51 -23.88 5.42 14.16
N LEU B 52 -23.17 4.43 13.62
CA LEU B 52 -21.79 4.57 13.22
C LEU B 52 -21.70 4.65 11.70
N PHE B 53 -21.02 5.69 11.21
CA PHE B 53 -20.84 5.90 9.78
C PHE B 53 -19.36 5.82 9.44
N GLU B 54 -19.06 5.40 8.22
CA GLU B 54 -17.68 5.20 7.78
C GLU B 54 -17.18 6.41 7.00
N ALA B 55 -15.92 6.74 7.21
CA ALA B 55 -15.25 7.78 6.43
C ALA B 55 -14.58 7.15 5.22
N ALA B 56 -13.89 7.97 4.45
CA ALA B 56 -13.15 7.46 3.29
C ALA B 56 -11.89 6.74 3.77
N PRO B 57 -11.70 5.48 3.39
CA PRO B 57 -10.46 4.78 3.78
C PRO B 57 -9.27 5.29 3.00
N ALA B 58 -8.10 5.12 3.59
CA ALA B 58 -6.84 5.55 2.98
C ALA B 58 -5.71 4.69 3.52
N PHE B 59 -5.13 3.86 2.65
CA PHE B 59 -4.10 2.93 3.09
C PHE B 59 -2.83 3.65 3.51
N GLY B 60 -2.48 4.73 2.80
CA GLY B 60 -1.23 5.43 3.07
C GLY B 60 -1.18 6.15 4.40
N GLU B 61 -2.34 6.38 5.03
CA GLU B 61 -2.36 7.09 6.30
C GLU B 61 -2.00 6.21 7.49
N VAL B 62 -1.78 4.91 7.28
CA VAL B 62 -1.40 4.03 8.38
C VAL B 62 -0.05 4.45 8.95
N GLY B 63 0.89 4.81 8.09
CA GLY B 63 2.18 5.29 8.57
C GLY B 63 3.02 4.15 9.11
N ALA B 64 3.57 4.36 10.31
CA ALA B 64 4.44 3.38 10.94
C ALA B 64 3.70 2.28 11.68
N GLY B 65 2.38 2.38 11.85
CA GLY B 65 1.64 1.34 12.51
C GLY B 65 0.97 1.73 13.81
N VAL B 66 0.51 0.75 14.57
CA VAL B 66 -0.24 0.96 15.80
C VAL B 66 0.43 0.19 16.92
N SER B 67 0.57 0.84 18.08
CA SER B 67 1.07 0.20 19.29
C SER B 67 0.31 0.78 20.48
N PHE B 68 0.48 0.14 21.64
CA PHE B 68 -0.29 0.50 22.83
C PHE B 68 0.62 0.57 24.05
N GLY B 69 0.59 1.71 24.74
CA GLY B 69 1.29 1.87 25.99
C GLY B 69 0.39 1.56 27.16
N PRO B 70 0.93 1.67 28.38
CA PRO B 70 0.10 1.39 29.57
C PRO B 70 -1.15 2.24 29.65
N ASN B 71 -1.08 3.50 29.23
CA ASN B 71 -2.25 4.36 29.27
C ASN B 71 -3.30 3.94 28.27
N ALA B 72 -2.89 3.39 27.12
CA ALA B 72 -3.85 2.94 26.12
C ALA B 72 -4.58 1.69 26.61
N VAL B 73 -3.88 0.77 27.25
CA VAL B 73 -4.51 -0.45 27.74
C VAL B 73 -5.51 -0.14 28.85
N ARG B 74 -5.19 0.82 29.71
CA ARG B 74 -6.13 1.23 30.73
C ARG B 74 -7.38 1.87 30.13
N ALA B 75 -7.23 2.61 29.03
CA ALA B 75 -8.40 3.15 28.35
C ALA B 75 -9.20 2.05 27.68
N ILE B 76 -8.52 1.02 27.14
CA ILE B 76 -9.22 -0.13 26.60
C ILE B 76 -9.98 -0.86 27.70
N VAL B 77 -9.36 -1.01 28.87
CA VAL B 77 -10.04 -1.60 30.02
C VAL B 77 -11.26 -0.76 30.40
N GLY B 78 -11.08 0.56 30.48
CA GLY B 78 -12.19 1.43 30.84
C GLY B 78 -13.31 1.41 29.83
N LEU B 79 -13.00 1.15 28.56
CA LEU B 79 -14.00 1.07 27.51
C LEU B 79 -14.59 -0.33 27.37
N GLY B 80 -14.16 -1.28 28.20
CA GLY B 80 -14.69 -2.63 28.11
C GLY B 80 -14.36 -3.33 26.81
N LEU B 81 -13.16 -3.11 26.28
CA LEU B 81 -12.72 -3.69 25.02
C LEU B 81 -11.62 -4.73 25.20
N GLY B 82 -11.45 -5.26 26.42
CA GLY B 82 -10.39 -6.20 26.67
C GLY B 82 -10.50 -7.47 25.85
N GLU B 83 -11.73 -7.90 25.54
CA GLU B 83 -11.93 -9.12 24.78
C GLU B 83 -11.43 -8.95 23.35
N ALA B 84 -11.88 -7.90 22.67
CA ALA B 84 -11.41 -7.65 21.31
C ALA B 84 -9.90 -7.42 21.28
N TYR B 85 -9.37 -6.73 22.30
CA TYR B 85 -7.94 -6.47 22.36
C TYR B 85 -7.15 -7.77 22.49
N LEU B 86 -7.56 -8.64 23.41
CA LEU B 86 -6.85 -9.89 23.63
C LEU B 86 -6.96 -10.82 22.43
N GLN B 87 -7.92 -10.60 21.54
CA GLN B 87 -8.06 -11.45 20.36
C GLN B 87 -6.91 -11.27 19.38
N VAL B 88 -6.33 -10.07 19.30
CA VAL B 88 -5.42 -9.74 18.20
C VAL B 88 -4.11 -9.14 18.69
N ALA B 89 -4.06 -8.72 19.96
CA ALA B 89 -2.87 -8.05 20.47
C ALA B 89 -1.67 -9.00 20.48
N ASP B 90 -0.49 -8.44 20.22
CA ASP B 90 0.76 -9.17 20.25
C ASP B 90 1.72 -8.48 21.19
N ARG B 91 2.25 -9.23 22.14
CA ARG B 91 3.18 -8.71 23.14
C ARG B 91 4.41 -9.61 23.17
N THR B 92 5.59 -9.00 23.33
CA THR B 92 6.83 -9.76 23.34
C THR B 92 6.78 -10.87 24.39
N SER B 93 7.29 -12.05 24.00
CA SER B 93 7.27 -13.19 24.91
C SER B 93 8.15 -12.92 26.13
N GLU B 94 7.82 -13.60 27.22
CA GLU B 94 8.66 -13.54 28.40
C GLU B 94 10.05 -14.09 28.07
N PRO B 95 11.10 -13.64 28.77
CA PRO B 95 11.10 -12.70 29.91
C PRO B 95 11.21 -11.23 29.50
N TRP B 96 10.92 -10.92 28.23
CA TRP B 96 11.05 -9.55 27.73
C TRP B 96 9.70 -8.87 27.55
N GLU B 97 8.67 -9.35 28.26
CA GLU B 97 7.32 -8.81 28.09
C GLU B 97 7.16 -7.39 28.59
N ASP B 98 8.14 -6.85 29.30
CA ASP B 98 8.06 -5.48 29.82
C ASP B 98 8.98 -4.51 29.08
N VAL B 99 9.83 -4.99 28.18
CA VAL B 99 10.78 -4.12 27.50
C VAL B 99 10.06 -3.37 26.38
N TRP B 100 10.07 -2.05 26.45
CA TRP B 100 9.54 -1.25 25.35
C TRP B 100 10.54 -1.18 24.20
N PHE B 101 11.76 -0.77 24.49
CA PHE B 101 12.80 -0.70 23.46
C PHE B 101 14.17 -0.71 24.14
N GLU B 102 15.11 -1.44 23.52
CA GLU B 102 16.52 -1.33 23.87
C GLU B 102 17.17 -0.34 22.90
N TRP B 103 17.94 0.60 23.45
CA TRP B 103 18.54 1.67 22.66
C TRP B 103 19.97 1.27 22.31
N ARG B 104 20.32 1.45 21.03
CA ARG B 104 21.60 0.98 20.50
C ARG B 104 22.20 2.03 19.58
N ARG B 105 23.53 2.06 19.54
CA ARG B 105 24.23 2.91 18.60
C ARG B 105 24.10 2.35 17.19
N GLY B 106 23.74 3.21 16.24
CA GLY B 106 23.61 2.75 14.86
C GLY B 106 24.92 2.34 14.24
N SER B 107 26.05 2.81 14.77
CA SER B 107 27.34 2.55 14.15
C SER B 107 27.88 1.17 14.49
N ASP B 108 27.66 0.70 15.73
CA ASP B 108 28.21 -0.59 16.13
C ASP B 108 27.23 -1.42 16.97
N ALA B 109 25.97 -1.02 17.07
CA ALA B 109 24.95 -1.76 17.81
C ALA B 109 25.31 -1.92 19.29
N SER B 110 26.08 -0.98 19.84
CA SER B 110 26.45 -1.02 21.24
C SER B 110 25.29 -0.56 22.11
N TYR B 111 25.19 -1.17 23.30
CA TYR B 111 24.06 -0.91 24.18
C TYR B 111 24.12 0.50 24.75
N LEU B 112 22.98 1.21 24.68
CA LEU B 112 22.87 2.56 25.19
C LEU B 112 21.89 2.70 26.34
N GLY B 113 21.14 1.67 26.68
CA GLY B 113 20.13 1.73 27.71
C GLY B 113 18.88 1.02 27.25
N ALA B 114 17.83 1.14 28.06
CA ALA B 114 16.54 0.53 27.73
C ALA B 114 15.43 1.29 28.42
N THR B 115 14.24 1.24 27.82
CA THR B 115 13.04 1.83 28.38
C THR B 115 12.06 0.71 28.70
N ILE B 116 11.55 0.71 29.94
CA ILE B 116 10.70 -0.36 30.45
C ILE B 116 9.29 0.18 30.63
N ALA B 117 8.31 -0.55 30.09
CA ALA B 117 6.88 -0.24 30.25
C ALA B 117 6.23 -1.42 30.96
N PRO B 118 6.15 -1.39 32.28
CA PRO B 118 5.64 -2.56 33.02
C PRO B 118 4.18 -2.84 32.68
N GLY B 119 3.90 -4.09 32.35
CA GLY B 119 2.54 -4.54 32.09
C GLY B 119 2.14 -4.58 30.63
N VAL B 120 2.91 -3.93 29.74
CA VAL B 120 2.55 -3.93 28.32
C VAL B 120 3.79 -4.19 27.47
N GLY B 121 4.95 -3.68 27.92
CA GLY B 121 6.16 -3.76 27.13
C GLY B 121 5.99 -3.20 25.73
N GLN B 122 6.23 -4.03 24.72
CA GLN B 122 5.97 -3.66 23.33
C GLN B 122 4.75 -4.45 22.87
N SER B 123 3.59 -3.80 22.91
CA SER B 123 2.33 -4.41 22.50
C SER B 123 1.84 -3.75 21.23
N SER B 124 1.55 -4.56 20.21
CA SER B 124 1.20 -4.05 18.90
C SER B 124 0.09 -4.88 18.29
N VAL B 125 -0.49 -4.36 17.21
CA VAL B 125 -1.49 -5.06 16.41
C VAL B 125 -1.31 -4.71 14.95
N HIS B 126 -1.75 -5.62 14.09
CA HIS B 126 -2.06 -5.25 12.71
C HIS B 126 -3.37 -4.48 12.73
N ARG B 127 -3.33 -3.21 12.29
CA ARG B 127 -4.44 -2.29 12.54
C ARG B 127 -5.77 -2.87 12.07
N ALA B 128 -5.80 -3.53 10.91
CA ALA B 128 -7.06 -4.07 10.41
C ALA B 128 -7.59 -5.18 11.31
N ASP B 129 -6.70 -5.95 11.94
CA ASP B 129 -7.13 -7.01 12.83
C ASP B 129 -7.91 -6.46 14.02
N PHE B 130 -7.41 -5.38 14.63
CA PHE B 130 -8.08 -4.80 15.79
C PHE B 130 -9.38 -4.12 15.40
N ILE B 131 -9.38 -3.37 14.29
CA ILE B 131 -10.61 -2.72 13.84
C ILE B 131 -11.68 -3.74 13.51
N ASP B 132 -11.29 -4.83 12.84
CA ASP B 132 -12.25 -5.89 12.53
C ASP B 132 -12.76 -6.55 13.81
N ALA B 133 -11.88 -6.76 14.79
CA ALA B 133 -12.30 -7.38 16.05
C ALA B 133 -13.30 -6.48 16.78
N LEU B 134 -13.08 -5.17 16.75
CA LEU B 134 -14.01 -4.25 17.41
C LEU B 134 -15.32 -4.15 16.65
N VAL B 135 -15.26 -4.17 15.31
CA VAL B 135 -16.47 -4.00 14.51
C VAL B 135 -17.40 -5.21 14.65
N THR B 136 -16.83 -6.41 14.71
CA THR B 136 -17.65 -7.61 14.84
C THR B 136 -18.35 -7.72 16.19
N HIS B 137 -17.98 -6.90 17.17
CA HIS B 137 -18.63 -6.88 18.47
C HIS B 137 -19.78 -5.88 18.52
N LEU B 138 -19.98 -5.08 17.48
CA LEU B 138 -21.07 -4.12 17.48
C LEU B 138 -22.41 -4.84 17.37
N PRO B 139 -23.40 -4.46 18.17
CA PRO B 139 -24.75 -5.00 17.96
C PRO B 139 -25.31 -4.54 16.61
N GLU B 140 -26.28 -5.30 16.11
CA GLU B 140 -26.82 -5.03 14.79
C GLU B 140 -27.53 -3.68 14.75
N GLY B 141 -27.59 -3.09 13.56
CA GLY B 141 -28.23 -1.82 13.35
C GLY B 141 -27.39 -0.60 13.68
N ILE B 142 -26.30 -0.78 14.42
CA ILE B 142 -25.47 0.36 14.81
C ILE B 142 -24.62 0.84 13.64
N ALA B 143 -24.03 -0.09 12.90
CA ALA B 143 -23.15 0.26 11.78
C ALA B 143 -23.98 0.63 10.56
N GLN B 144 -23.77 1.84 10.04
CA GLN B 144 -24.44 2.33 8.84
C GLN B 144 -23.36 2.61 7.80
N PHE B 145 -22.86 1.55 7.18
CA PHE B 145 -21.79 1.65 6.20
C PHE B 145 -22.36 1.67 4.78
N GLY B 146 -21.52 2.09 3.84
CA GLY B 146 -21.92 2.24 2.46
C GLY B 146 -22.38 3.62 2.07
N LYS B 147 -21.99 4.66 2.81
CA LYS B 147 -22.38 6.02 2.51
C LYS B 147 -21.39 6.97 3.17
N ARG B 148 -21.34 8.20 2.66
CA ARG B 148 -20.44 9.23 3.18
C ARG B 148 -21.23 10.50 3.47
N ALA B 149 -20.76 11.24 4.47
CA ALA B 149 -21.44 12.46 4.90
C ALA B 149 -21.15 13.59 3.91
N THR B 150 -22.21 14.14 3.30
CA THR B 150 -22.06 15.24 2.36
C THR B 150 -21.95 16.57 3.08
N GLN B 151 -22.94 16.90 3.90
CA GLN B 151 -23.01 18.17 4.61
C GLN B 151 -23.45 17.91 6.04
N VAL B 152 -23.27 18.92 6.88
CA VAL B 152 -23.66 18.86 8.28
C VAL B 152 -24.11 20.26 8.72
N GLU B 153 -25.34 20.37 9.19
CA GLU B 153 -25.88 21.62 9.68
C GLU B 153 -26.18 21.50 11.17
N GLN B 154 -26.19 22.63 11.86
CA GLN B 154 -26.42 22.69 13.30
C GLN B 154 -27.55 23.69 13.56
N GLN B 155 -28.76 23.18 13.81
CA GLN B 155 -29.93 24.02 14.00
C GLN B 155 -30.67 23.58 15.26
N GLY B 156 -30.83 24.50 16.21
CA GLY B 156 -31.58 24.22 17.42
C GLY B 156 -31.02 23.11 18.28
N GLY B 157 -29.70 23.10 18.47
CA GLY B 157 -29.04 22.05 19.21
C GLY B 157 -29.07 20.68 18.55
N GLU B 158 -29.70 20.54 17.39
CA GLU B 158 -29.80 19.28 16.69
C GLU B 158 -28.91 19.32 15.44
N VAL B 159 -28.22 18.21 15.18
CA VAL B 159 -27.35 18.06 14.02
C VAL B 159 -28.08 17.21 12.98
N GLN B 160 -27.99 17.62 11.72
CA GLN B 160 -28.62 16.91 10.61
C GLN B 160 -27.56 16.65 9.54
N VAL B 161 -27.50 15.40 9.07
CA VAL B 161 -26.49 14.96 8.11
C VAL B 161 -27.20 14.32 6.93
N LEU B 162 -26.82 14.72 5.72
CA LEU B 162 -27.30 14.10 4.49
C LEU B 162 -26.16 13.29 3.87
N PHE B 163 -26.48 12.09 3.40
CA PHE B 163 -25.49 11.15 2.89
C PHE B 163 -25.62 11.00 1.38
N THR B 164 -24.63 10.36 0.78
CA THR B 164 -24.53 10.29 -0.68
C THR B 164 -25.68 9.50 -1.29
N ASP B 165 -26.27 8.58 -0.54
CA ASP B 165 -27.37 7.75 -1.04
C ASP B 165 -28.73 8.38 -0.81
N GLY B 166 -28.79 9.62 -0.34
CA GLY B 166 -30.05 10.32 -0.16
C GLY B 166 -30.66 10.23 1.22
N THR B 167 -30.01 9.55 2.16
CA THR B 167 -30.54 9.43 3.50
C THR B 167 -30.19 10.64 4.35
N GLU B 168 -31.01 10.89 5.36
CA GLU B 168 -30.77 11.96 6.31
C GLU B 168 -30.72 11.38 7.71
N TYR B 169 -30.07 12.10 8.62
CA TYR B 169 -29.87 11.62 9.98
C TYR B 169 -29.84 12.80 10.94
N ARG B 170 -30.69 12.75 11.96
CA ARG B 170 -30.75 13.77 12.99
C ARG B 170 -30.20 13.20 14.29
N CYS B 171 -29.39 14.00 14.99
CA CYS B 171 -28.77 13.54 16.22
C CYS B 171 -28.51 14.74 17.13
N ASP B 172 -28.48 14.46 18.44
CA ASP B 172 -28.16 15.48 19.43
C ASP B 172 -26.66 15.74 19.54
N LEU B 173 -25.83 14.89 18.94
CA LEU B 173 -24.38 15.04 19.05
C LEU B 173 -23.73 14.26 17.92
N LEU B 174 -22.78 14.89 17.22
CA LEU B 174 -22.05 14.25 16.14
C LEU B 174 -20.58 14.19 16.50
N ILE B 175 -19.99 13.00 16.40
CA ILE B 175 -18.59 12.76 16.74
C ILE B 175 -17.77 12.73 15.47
N GLY B 176 -16.66 13.47 15.46
CA GLY B 176 -15.76 13.49 14.34
C GLY B 176 -14.54 12.63 14.54
N ALA B 177 -14.62 11.37 14.12
CA ALA B 177 -13.53 10.41 14.24
C ALA B 177 -13.12 9.88 12.87
N ASP B 178 -13.05 10.77 11.88
CA ASP B 178 -12.84 10.39 10.49
C ASP B 178 -11.40 10.57 10.03
N GLY B 179 -10.44 10.50 10.96
CA GLY B 179 -9.04 10.40 10.58
C GLY B 179 -8.35 11.72 10.34
N ILE B 180 -7.07 11.60 9.96
CA ILE B 180 -6.20 12.77 9.82
C ILE B 180 -6.72 13.73 8.76
N LYS B 181 -7.37 13.21 7.72
CA LYS B 181 -7.99 14.04 6.69
C LYS B 181 -9.49 14.20 6.96
N SER B 182 -9.81 14.61 8.17
CA SER B 182 -11.19 14.71 8.61
C SER B 182 -11.94 15.77 7.82
N ALA B 183 -13.05 15.38 7.20
CA ALA B 183 -13.95 16.34 6.58
C ALA B 183 -14.77 17.10 7.62
N LEU B 184 -14.82 16.62 8.85
CA LEU B 184 -15.54 17.30 9.93
C LEU B 184 -14.68 18.29 10.68
N ARG B 185 -13.36 18.18 10.60
CA ARG B 185 -12.49 19.13 11.31
C ARG B 185 -12.66 20.53 10.77
N SER B 186 -12.80 20.66 9.45
CA SER B 186 -12.99 21.99 8.86
C SER B 186 -14.31 22.61 9.31
N HIS B 187 -15.36 21.80 9.51
CA HIS B 187 -16.61 22.33 10.04
C HIS B 187 -16.44 22.85 11.45
N VAL B 188 -15.69 22.11 12.28
CA VAL B 188 -15.44 22.55 13.65
C VAL B 188 -14.59 23.82 13.64
N LEU B 189 -13.59 23.87 12.76
CA LEU B 189 -12.69 25.03 12.73
C LEU B 189 -13.36 26.23 12.08
N GLU B 190 -14.15 26.00 11.02
CA GLU B 190 -14.91 27.10 10.44
C GLU B 190 -15.97 27.61 11.41
N GLY B 191 -16.47 26.77 12.32
CA GLY B 191 -17.46 27.22 13.27
C GLY B 191 -16.86 28.11 14.35
N GLN B 192 -15.64 27.80 14.78
CA GLN B 192 -14.89 28.65 15.70
C GLN B 192 -14.32 29.89 15.02
N GLY B 193 -14.58 30.08 13.73
CA GLY B 193 -14.02 31.19 13.00
C GLY B 193 -12.51 31.08 12.88
N LEU B 194 -12.03 29.92 12.47
CA LEU B 194 -10.60 29.66 12.35
C LEU B 194 -10.31 29.02 10.99
N ALA B 195 -9.07 29.19 10.55
CA ALA B 195 -8.67 28.66 9.26
C ALA B 195 -8.63 27.13 9.30
N PRO B 196 -8.94 26.48 8.19
CA PRO B 196 -8.86 25.02 8.15
C PRO B 196 -7.45 24.53 8.38
N GLN B 197 -7.34 23.25 8.76
CA GLN B 197 -6.07 22.61 9.02
C GLN B 197 -5.97 21.34 8.19
N VAL B 198 -4.81 21.13 7.57
CA VAL B 198 -4.58 20.00 6.69
C VAL B 198 -3.36 19.25 7.20
N PRO B 199 -3.21 17.97 6.83
CA PRO B 199 -2.00 17.24 7.20
C PRO B 199 -0.76 17.91 6.65
N ARG B 200 0.31 17.89 7.44
CA ARG B 200 1.58 18.50 7.07
C ARG B 200 2.65 17.42 6.97
N PHE B 201 3.41 17.43 5.89
CA PHE B 201 4.51 16.48 5.73
C PHE B 201 5.62 16.81 6.73
N SER B 202 6.02 15.82 7.51
CA SER B 202 7.01 16.01 8.56
C SER B 202 8.43 16.14 8.02
N GLY B 203 8.67 15.83 6.75
CA GLY B 203 10.01 15.71 6.25
C GLY B 203 10.68 14.40 6.56
N THR B 204 9.99 13.48 7.23
CA THR B 204 10.53 12.19 7.60
C THR B 204 9.82 11.10 6.80
N CYS B 205 10.59 10.19 6.22
CA CYS B 205 10.06 9.03 5.52
C CYS B 205 10.54 7.77 6.21
N ALA B 206 9.77 6.70 6.06
CA ALA B 206 10.03 5.45 6.77
C ALA B 206 9.90 4.28 5.81
N TYR B 207 10.96 3.48 5.72
CA TYR B 207 10.89 2.20 5.03
C TYR B 207 10.32 1.15 5.97
N ARG B 208 9.40 0.33 5.46
CA ARG B 208 8.73 -0.68 6.27
C ARG B 208 8.88 -2.05 5.63
N GLY B 209 8.98 -3.07 6.48
CA GLY B 209 9.08 -4.43 6.01
C GLY B 209 9.08 -5.38 7.19
N MET B 210 9.08 -6.67 6.87
CA MET B 210 9.05 -7.73 7.87
C MET B 210 10.08 -8.79 7.51
N VAL B 211 10.75 -9.32 8.53
CA VAL B 211 11.83 -10.29 8.35
C VAL B 211 11.54 -11.52 9.19
N ASP B 212 11.76 -12.70 8.59
CA ASP B 212 11.68 -13.94 9.35
C ASP B 212 12.71 -13.94 10.47
N SER B 213 12.29 -14.36 11.66
CA SER B 213 13.16 -14.25 12.84
C SER B 213 14.39 -15.13 12.70
N LEU B 214 14.24 -16.34 12.17
CA LEU B 214 15.38 -17.22 11.99
C LEU B 214 16.33 -16.68 10.93
N HIS B 215 15.78 -16.09 9.87
CA HIS B 215 16.63 -15.46 8.86
C HIS B 215 17.43 -14.31 9.44
N LEU B 216 16.81 -13.53 10.34
CA LEU B 216 17.52 -12.40 10.94
C LEU B 216 18.59 -12.88 11.90
N ARG B 217 18.33 -13.96 12.64
CA ARG B 217 19.35 -14.52 13.52
C ARG B 217 20.56 -14.99 12.73
N GLU B 218 20.33 -15.65 11.59
CA GLU B 218 21.44 -16.13 10.78
C GLU B 218 22.21 -14.99 10.14
N ALA B 219 21.51 -13.91 9.76
CA ALA B 219 22.20 -12.74 9.24
C ALA B 219 22.99 -12.04 10.32
N TYR B 220 22.47 -12.02 11.55
CA TYR B 220 23.20 -11.40 12.65
C TYR B 220 24.40 -12.25 13.06
N ARG B 221 24.22 -13.57 13.16
CA ARG B 221 25.32 -14.45 13.54
C ARG B 221 26.46 -14.38 12.53
N ALA B 222 26.13 -14.22 11.24
CA ALA B 222 27.17 -14.10 10.22
C ALA B 222 28.07 -12.88 10.43
N HIS B 223 27.63 -11.92 11.25
CA HIS B 223 28.43 -10.76 11.60
C HIS B 223 28.83 -10.77 13.07
N GLY B 224 28.79 -11.93 13.72
CA GLY B 224 29.11 -12.02 15.13
C GLY B 224 28.24 -11.17 16.02
N ILE B 225 26.96 -11.02 15.68
CA ILE B 225 26.05 -10.14 16.38
C ILE B 225 25.19 -10.97 17.33
N ASP B 226 24.94 -10.42 18.52
CA ASP B 226 24.18 -11.15 19.53
C ASP B 226 22.76 -11.44 19.06
N GLU B 227 22.39 -12.72 19.11
CA GLU B 227 21.03 -13.14 18.82
C GLU B 227 20.00 -12.46 19.72
N HIS B 228 20.44 -11.93 20.87
CA HIS B 228 19.57 -11.20 21.77
C HIS B 228 18.90 -10.02 21.08
N LEU B 229 19.53 -9.47 20.04
CA LEU B 229 18.97 -8.32 19.33
C LEU B 229 17.79 -8.69 18.44
N VAL B 230 17.50 -9.98 18.27
CA VAL B 230 16.32 -10.41 17.52
C VAL B 230 15.11 -10.56 18.43
N ASP B 231 15.31 -11.13 19.62
CA ASP B 231 14.20 -11.42 20.52
C ASP B 231 13.69 -10.21 21.27
N VAL B 232 14.50 -9.16 21.40
CA VAL B 232 14.12 -7.99 22.20
C VAL B 232 13.92 -6.81 21.27
N PRO B 233 12.88 -5.99 21.47
CA PRO B 233 12.71 -4.78 20.64
C PRO B 233 13.95 -3.89 20.69
N GLN B 234 14.40 -3.47 19.51
CA GLN B 234 15.62 -2.70 19.37
C GLN B 234 15.33 -1.38 18.68
N MET B 235 16.24 -0.42 18.89
CA MET B 235 16.14 0.90 18.28
C MET B 235 17.54 1.41 18.04
N TYR B 236 17.94 1.48 16.77
CA TYR B 236 19.27 1.96 16.40
C TYR B 236 19.18 3.44 16.06
N LEU B 237 19.95 4.25 16.79
CA LEU B 237 19.88 5.71 16.68
C LEU B 237 21.07 6.24 15.90
N GLY B 238 20.83 7.25 15.06
CA GLY B 238 21.87 7.87 14.27
C GLY B 238 21.44 9.27 13.88
N LEU B 239 22.33 9.96 13.18
CA LEU B 239 22.06 11.34 12.79
C LEU B 239 21.05 11.39 11.66
N ASP B 240 19.91 12.05 11.92
CA ASP B 240 18.84 12.24 10.93
C ASP B 240 18.24 10.92 10.46
N GLY B 241 18.29 9.89 11.30
CA GLY B 241 17.69 8.63 10.95
C GLY B 241 17.77 7.66 12.12
N HIS B 242 16.88 6.67 12.09
CA HIS B 242 16.87 5.64 13.12
C HIS B 242 16.03 4.46 12.64
N ILE B 243 16.32 3.28 13.20
CA ILE B 243 15.69 2.03 12.80
C ILE B 243 15.20 1.31 14.04
N LEU B 244 13.95 0.86 14.01
CA LEU B 244 13.38 0.08 15.11
C LEU B 244 13.00 -1.32 14.61
N THR B 245 13.12 -2.30 15.52
CA THR B 245 12.68 -3.67 15.28
C THR B 245 11.98 -4.18 16.52
N PHE B 246 11.01 -5.09 16.31
CA PHE B 246 10.40 -5.80 17.42
C PHE B 246 9.69 -7.03 16.90
N PRO B 247 9.71 -8.15 17.62
CA PRO B 247 9.07 -9.36 17.12
C PRO B 247 7.56 -9.34 17.26
N VAL B 248 6.90 -10.03 16.33
CA VAL B 248 5.45 -10.20 16.34
C VAL B 248 5.15 -11.66 16.01
N ARG B 249 3.87 -12.02 16.17
CA ARG B 249 3.38 -13.37 15.87
C ARG B 249 4.19 -14.43 16.61
N ASN B 250 4.20 -14.30 17.94
CA ASN B 250 4.87 -15.25 18.83
C ASN B 250 6.35 -15.39 18.49
N GLY B 251 6.97 -14.28 18.10
CA GLY B 251 8.40 -14.23 17.88
C GLY B 251 8.88 -14.77 16.54
N GLY B 252 7.98 -15.15 15.64
CA GLY B 252 8.40 -15.70 14.37
C GLY B 252 8.72 -14.69 13.29
N ILE B 253 8.35 -13.43 13.49
CA ILE B 253 8.52 -12.39 12.47
C ILE B 253 8.96 -11.10 13.16
N ILE B 254 9.93 -10.42 12.54
CA ILE B 254 10.45 -9.16 13.05
C ILE B 254 9.91 -8.03 12.18
N ASN B 255 9.18 -7.11 12.79
CA ASN B 255 8.70 -5.91 12.11
C ASN B 255 9.77 -4.84 12.13
N VAL B 256 10.01 -4.20 10.99
CA VAL B 256 11.10 -3.25 10.82
C VAL B 256 10.55 -1.95 10.26
N VAL B 257 10.95 -0.83 10.87
CA VAL B 257 10.66 0.51 10.35
C VAL B 257 11.96 1.31 10.40
N ALA B 258 12.39 1.81 9.25
CA ALA B 258 13.65 2.55 9.11
C ALA B 258 13.33 3.98 8.68
N PHE B 259 13.60 4.94 9.58
CA PHE B 259 13.22 6.33 9.36
C PHE B 259 14.37 7.11 8.75
N ILE B 260 14.03 8.03 7.85
CA ILE B 260 14.99 8.96 7.25
C ILE B 260 14.33 10.34 7.25
N SER B 261 15.02 11.32 7.86
CA SER B 261 14.48 12.67 7.98
C SER B 261 15.35 13.64 7.21
N ASP B 262 14.70 14.49 6.40
CA ASP B 262 15.36 15.57 5.69
C ASP B 262 15.07 16.87 6.44
N ARG B 263 16.07 17.39 7.14
CA ARG B 263 15.94 18.62 7.90
C ARG B 263 16.57 19.81 7.21
N SER B 264 16.74 19.75 5.89
CA SER B 264 17.33 20.84 5.14
C SER B 264 16.35 22.02 5.05
N GLU B 265 16.85 23.13 4.49
CA GLU B 265 16.05 24.34 4.36
C GLU B 265 15.77 24.64 2.90
N PRO B 266 14.53 25.00 2.55
CA PRO B 266 13.40 25.08 3.48
C PRO B 266 12.75 23.72 3.73
N LYS B 267 11.53 23.72 4.25
CA LYS B 267 10.86 22.48 4.58
C LYS B 267 10.55 21.70 3.31
N PRO B 268 10.93 20.42 3.24
CA PRO B 268 10.53 19.61 2.08
C PRO B 268 9.03 19.44 2.01
N THR B 269 8.52 19.27 0.80
CA THR B 269 7.10 19.09 0.56
C THR B 269 6.83 17.70 0.00
N TRP B 270 5.57 17.28 0.13
CA TRP B 270 5.13 16.05 -0.51
C TRP B 270 4.20 16.39 -1.66
N PRO B 271 4.41 15.82 -2.85
CA PRO B 271 3.60 16.21 -4.02
C PRO B 271 2.11 16.01 -3.77
N ALA B 272 1.32 16.91 -4.37
CA ALA B 272 -0.12 16.90 -4.12
C ALA B 272 -0.79 15.66 -4.69
N ASP B 273 -0.31 15.15 -5.82
CA ASP B 273 -0.89 13.97 -6.46
C ASP B 273 -0.12 12.70 -6.11
N ALA B 274 0.57 12.68 -4.98
CA ALA B 274 1.38 11.54 -4.59
C ALA B 274 0.78 10.86 -3.37
N PRO B 275 0.47 9.57 -3.43
CA PRO B 275 0.09 8.83 -2.22
C PRO B 275 1.21 8.86 -1.20
N TRP B 276 0.84 8.74 0.06
CA TRP B 276 1.81 8.77 1.15
C TRP B 276 2.59 7.46 1.26
N VAL B 277 2.34 6.49 0.39
CA VAL B 277 3.04 5.22 0.42
C VAL B 277 3.40 4.84 -1.02
N ARG B 278 4.58 4.25 -1.20
CA ARG B 278 5.00 3.77 -2.50
C ARG B 278 5.96 2.60 -2.30
N GLU B 279 6.10 1.80 -3.35
CA GLU B 279 7.11 0.76 -3.34
C GLU B 279 8.49 1.38 -3.31
N ALA B 280 9.40 0.75 -2.58
CA ALA B 280 10.79 1.14 -2.52
C ALA B 280 11.67 0.02 -3.04
N SER B 281 12.74 0.39 -3.73
CA SER B 281 13.72 -0.60 -4.17
C SER B 281 14.71 -0.87 -3.04
N GLN B 282 15.27 -2.09 -3.05
CA GLN B 282 16.24 -2.46 -2.03
C GLN B 282 17.48 -1.57 -2.10
N ARG B 283 17.94 -1.26 -3.30
CA ARG B 283 19.14 -0.44 -3.45
C ARG B 283 18.92 0.96 -2.88
N GLU B 284 17.75 1.56 -3.16
CA GLU B 284 17.47 2.88 -2.62
C GLU B 284 17.45 2.86 -1.09
N MET B 285 16.89 1.83 -0.50
CA MET B 285 16.83 1.73 0.96
C MET B 285 18.22 1.54 1.57
N LEU B 286 19.02 0.64 0.98
CA LEU B 286 20.36 0.40 1.49
C LEU B 286 21.27 1.60 1.28
N ASP B 287 21.04 2.38 0.23
CA ASP B 287 21.85 3.58 -0.01
C ASP B 287 21.53 4.68 0.98
N ALA B 288 20.27 4.79 1.41
CA ALA B 288 19.90 5.80 2.40
C ALA B 288 20.55 5.54 3.76
N PHE B 289 20.95 4.29 4.01
CA PHE B 289 21.61 3.90 5.26
C PHE B 289 23.02 3.40 4.98
N ALA B 290 23.73 4.06 4.05
CA ALA B 290 25.04 3.57 3.62
C ALA B 290 26.07 3.68 4.73
N GLY B 291 26.06 4.77 5.49
CA GLY B 291 27.08 4.99 6.49
C GLY B 291 26.77 4.39 7.84
N TRP B 292 25.87 3.41 7.88
CA TRP B 292 25.45 2.79 9.13
C TRP B 292 26.23 1.50 9.38
N GLY B 293 26.10 0.98 10.60
CA GLY B 293 26.86 -0.17 11.03
C GLY B 293 26.41 -1.45 10.37
N ASP B 294 27.17 -2.52 10.65
CA ASP B 294 26.89 -3.82 10.05
C ASP B 294 25.54 -4.37 10.49
N ALA B 295 25.17 -4.13 11.76
CA ALA B 295 23.90 -4.65 12.28
C ALA B 295 22.73 -4.07 11.52
N ALA B 296 22.67 -2.73 11.41
CA ALA B 296 21.57 -2.09 10.72
C ALA B 296 21.55 -2.43 9.24
N ARG B 297 22.71 -2.63 8.63
CA ARG B 297 22.77 -2.90 7.20
C ARG B 297 22.37 -4.34 6.88
N ALA B 298 22.86 -5.30 7.66
CA ALA B 298 22.46 -6.69 7.45
C ALA B 298 20.97 -6.88 7.69
N LEU B 299 20.38 -6.11 8.61
CA LEU B 299 18.95 -6.20 8.85
C LEU B 299 18.15 -5.70 7.65
N LEU B 300 18.51 -4.52 7.12
CA LEU B 300 17.80 -3.98 5.98
C LEU B 300 17.96 -4.87 4.75
N GLU B 301 19.08 -5.59 4.64
CA GLU B 301 19.29 -6.48 3.52
C GLU B 301 18.31 -7.64 3.51
N CYS B 302 17.72 -7.97 4.67
CA CYS B 302 16.80 -9.09 4.76
C CYS B 302 15.37 -8.73 4.37
N ILE B 303 15.06 -7.45 4.24
CA ILE B 303 13.68 -7.00 4.01
C ILE B 303 13.28 -7.24 2.56
N PRO B 304 12.26 -8.06 2.30
CA PRO B 304 11.75 -8.21 0.94
C PRO B 304 10.65 -7.21 0.62
N ALA B 305 10.64 -6.78 -0.64
CA ALA B 305 9.65 -5.86 -1.20
C ALA B 305 9.36 -4.69 -0.26
N PRO B 306 10.36 -3.87 0.06
CA PRO B 306 10.14 -2.78 1.01
C PRO B 306 9.22 -1.70 0.45
N THR B 307 8.57 -0.98 1.36
CA THR B 307 7.70 0.13 1.02
C THR B 307 8.19 1.39 1.72
N LEU B 308 7.83 2.54 1.15
CA LEU B 308 8.24 3.85 1.66
C LEU B 308 7.00 4.63 2.06
N TRP B 309 7.04 5.24 3.25
CA TRP B 309 5.89 5.93 3.81
C TRP B 309 6.26 7.37 4.17
N ALA B 310 5.45 8.32 3.71
CA ALA B 310 5.64 9.74 4.02
C ALA B 310 4.83 10.07 5.27
N LEU B 311 5.52 10.31 6.37
CA LEU B 311 4.88 10.51 7.67
C LEU B 311 4.31 11.93 7.77
N HIS B 312 3.01 12.03 8.01
CA HIS B 312 2.32 13.29 8.21
C HIS B 312 1.75 13.35 9.62
N ASP B 313 1.46 14.56 10.08
CA ASP B 313 0.75 14.76 11.34
C ASP B 313 -0.17 15.97 11.17
N LEU B 314 -0.72 16.43 12.29
CA LEU B 314 -1.62 17.58 12.31
C LEU B 314 -1.12 18.60 13.31
N ALA B 315 -1.37 19.87 13.02
CA ALA B 315 -1.03 20.93 13.95
C ALA B 315 -1.90 20.83 15.20
N GLU B 316 -1.39 21.39 16.29
CA GLU B 316 -2.12 21.40 17.56
C GLU B 316 -3.31 22.33 17.43
N LEU B 317 -4.50 21.74 17.30
CA LEU B 317 -5.71 22.54 17.15
C LEU B 317 -6.00 23.33 18.43
N PRO B 318 -6.68 24.47 18.32
CA PRO B 318 -6.98 25.26 19.51
C PRO B 318 -8.27 24.83 20.19
N GLY B 319 -9.12 24.11 19.47
CA GLY B 319 -10.38 23.63 20.02
C GLY B 319 -11.00 22.52 19.22
N TYR B 320 -11.52 21.49 19.90
CA TYR B 320 -12.09 20.32 19.24
C TYR B 320 -13.60 20.39 19.11
N VAL B 321 -14.25 21.41 19.66
CA VAL B 321 -15.70 21.46 19.78
C VAL B 321 -16.22 22.72 19.11
N HIS B 322 -17.34 22.58 18.39
CA HIS B 322 -18.13 23.73 17.94
C HIS B 322 -19.59 23.29 17.93
N GLY B 323 -20.35 23.75 18.93
CA GLY B 323 -21.75 23.36 19.00
C GLY B 323 -21.87 21.92 19.44
N ARG B 324 -22.65 21.14 18.67
CA ARG B 324 -22.86 19.73 18.95
C ARG B 324 -21.99 18.82 18.09
N VAL B 325 -20.87 19.32 17.59
CA VAL B 325 -19.94 18.56 16.77
C VAL B 325 -18.57 18.62 17.43
N VAL B 326 -17.95 17.45 17.60
CA VAL B 326 -16.72 17.34 18.38
C VAL B 326 -15.79 16.34 17.69
N LEU B 327 -14.48 16.62 17.74
CA LEU B 327 -13.46 15.81 17.09
C LEU B 327 -12.72 14.97 18.10
N ILE B 328 -12.45 13.71 17.73
CA ILE B 328 -11.64 12.79 18.53
C ILE B 328 -10.68 12.07 17.61
N GLY B 329 -9.63 11.51 18.21
CA GLY B 329 -8.69 10.69 17.45
C GLY B 329 -7.77 11.51 16.57
N ASP B 330 -7.34 10.89 15.48
CA ASP B 330 -6.45 11.57 14.53
C ASP B 330 -7.11 12.80 13.94
N ALA B 331 -8.44 12.81 13.86
CA ALA B 331 -9.16 13.99 13.37
C ALA B 331 -8.87 15.22 14.22
N ALA B 332 -8.55 15.03 15.50
CA ALA B 332 -8.32 16.13 16.41
C ALA B 332 -6.85 16.34 16.74
N HIS B 333 -6.04 15.27 16.72
CA HIS B 333 -4.65 15.38 17.18
C HIS B 333 -3.74 14.34 16.54
N ALA B 334 -3.79 14.22 15.22
CA ALA B 334 -2.89 13.31 14.53
C ALA B 334 -1.44 13.69 14.80
N MET B 335 -0.60 12.69 15.04
CA MET B 335 0.75 12.92 15.51
C MET B 335 1.71 11.95 14.86
N LEU B 336 3.01 12.17 15.12
CA LEU B 336 4.07 11.28 14.68
C LEU B 336 4.16 10.07 15.61
N PRO B 337 4.69 8.94 15.11
CA PRO B 337 4.61 7.70 15.87
C PRO B 337 5.81 7.43 16.78
N HIS B 338 6.60 8.46 17.07
CA HIS B 338 7.86 8.24 17.79
C HIS B 338 7.65 7.90 19.26
N GLN B 339 6.47 8.14 19.82
CA GLN B 339 6.14 7.71 21.16
C GLN B 339 5.07 6.63 21.18
N GLY B 340 4.66 6.15 20.00
CA GLY B 340 3.63 5.12 19.92
C GLY B 340 2.33 5.51 20.58
N ALA B 341 2.00 6.80 20.63
CA ALA B 341 0.91 7.31 21.44
C ALA B 341 -0.32 7.68 20.63
N GLY B 342 -0.27 7.58 19.31
CA GLY B 342 -1.39 8.05 18.50
C GLY B 342 -2.69 7.32 18.81
N ALA B 343 -2.64 5.99 18.87
CA ALA B 343 -3.84 5.22 19.15
C ALA B 343 -4.33 5.41 20.58
N GLY B 344 -3.39 5.51 21.53
CA GLY B 344 -3.78 5.68 22.92
C GLY B 344 -4.47 7.00 23.20
N GLN B 345 -4.11 8.05 22.46
CA GLN B 345 -4.75 9.35 22.66
C GLN B 345 -6.18 9.33 22.13
N GLY B 346 -6.43 8.62 21.03
CA GLY B 346 -7.79 8.44 20.58
C GLY B 346 -8.61 7.57 21.51
N LEU B 347 -7.97 6.60 22.16
CA LEU B 347 -8.69 5.76 23.12
C LEU B 347 -9.00 6.53 24.40
N GLU B 348 -8.09 7.43 24.81
CA GLU B 348 -8.38 8.32 25.93
C GLU B 348 -9.51 9.27 25.60
N ASP B 349 -9.61 9.71 24.35
CA ASP B 349 -10.73 10.54 23.92
C ASP B 349 -12.05 9.80 24.09
N ALA B 350 -12.10 8.54 23.63
CA ALA B 350 -13.33 7.77 23.71
C ALA B 350 -13.68 7.44 25.15
N TYR B 351 -12.69 7.13 25.97
CA TYR B 351 -12.96 6.79 27.36
C TYR B 351 -13.47 8.00 28.14
N PHE B 352 -12.86 9.17 27.92
CA PHE B 352 -13.32 10.39 28.58
C PHE B 352 -14.76 10.70 28.19
N LEU B 353 -15.07 10.60 26.90
CA LEU B 353 -16.42 10.94 26.43
C LEU B 353 -17.45 9.94 26.92
N ALA B 354 -17.13 8.63 26.82
CA ALA B 354 -18.12 7.60 27.10
C ALA B 354 -18.54 7.62 28.56
N ARG B 355 -17.62 7.91 29.48
CA ARG B 355 -17.97 7.94 30.89
C ARG B 355 -18.92 9.08 31.21
N LEU B 356 -18.74 10.22 30.54
CA LEU B 356 -19.63 11.36 30.79
C LEU B 356 -20.95 11.21 30.04
N LEU B 357 -20.90 10.79 28.77
CA LEU B 357 -22.13 10.65 28.00
C LEU B 357 -23.00 9.52 28.52
N GLY B 358 -22.40 8.47 29.08
CA GLY B 358 -23.15 7.35 29.58
C GLY B 358 -23.80 7.55 30.94
N ASP B 359 -23.43 8.62 31.65
CA ASP B 359 -24.00 8.88 32.97
C ASP B 359 -25.48 9.24 32.84
N THR B 360 -26.27 8.79 33.82
CA THR B 360 -27.68 9.18 33.87
C THR B 360 -27.84 10.68 34.09
N GLN B 361 -26.80 11.36 34.57
CA GLN B 361 -26.85 12.80 34.78
C GLN B 361 -26.73 13.59 33.48
N ALA B 362 -26.28 12.96 32.40
CA ALA B 362 -26.11 13.64 31.13
C ALA B 362 -27.43 13.66 30.35
N ASP B 363 -27.64 14.77 29.65
CA ASP B 363 -28.80 14.94 28.78
C ASP B 363 -28.52 16.11 27.84
N ALA B 364 -29.50 16.44 27.00
CA ALA B 364 -29.33 17.57 26.09
C ALA B 364 -29.18 18.90 26.83
N GLY B 365 -29.69 19.00 28.06
CA GLY B 365 -29.63 20.24 28.80
C GLY B 365 -28.24 20.65 29.24
N ASN B 366 -27.32 19.68 29.41
CA ASN B 366 -25.98 19.97 29.89
C ASN B 366 -24.89 19.50 28.93
N LEU B 367 -25.25 19.25 27.67
CA LEU B 367 -24.26 18.71 26.72
C LEU B 367 -23.19 19.74 26.37
N ALA B 368 -23.56 21.02 26.28
CA ALA B 368 -22.56 22.04 25.99
C ALA B 368 -21.53 22.13 27.10
N GLU B 369 -21.95 21.95 28.36
CA GLU B 369 -21.00 21.91 29.46
C GLU B 369 -20.16 20.64 29.43
N LEU B 370 -20.73 19.54 28.93
CA LEU B 370 -19.97 18.29 28.83
C LEU B 370 -18.87 18.41 27.78
N LEU B 371 -19.20 18.91 26.59
CA LEU B 371 -18.21 19.07 25.54
C LEU B 371 -17.15 20.09 25.93
N GLU B 372 -17.53 21.11 26.70
CA GLU B 372 -16.53 22.07 27.18
C GLU B 372 -15.53 21.39 28.11
N ALA B 373 -16.00 20.42 28.91
CA ALA B 373 -15.09 19.70 29.80
C ALA B 373 -14.11 18.84 29.00
N TYR B 374 -14.57 18.25 27.90
CA TYR B 374 -13.67 17.47 27.06
C TYR B 374 -12.59 18.34 26.44
N ASP B 375 -12.99 19.44 25.81
CA ASP B 375 -12.03 20.33 25.16
C ASP B 375 -11.08 20.96 26.17
N ASP B 376 -11.53 21.15 27.41
CA ASP B 376 -10.71 21.81 28.42
C ASP B 376 -9.67 20.89 29.02
N LEU B 377 -9.98 19.60 29.15
CA LEU B 377 -9.09 18.66 29.83
C LEU B 377 -8.39 17.68 28.90
N ARG B 378 -8.99 17.35 27.76
CA ARG B 378 -8.38 16.39 26.86
C ARG B 378 -7.48 17.04 25.81
N ARG B 379 -7.93 18.16 25.24
CA ARG B 379 -7.13 18.84 24.22
C ARG B 379 -5.75 19.28 24.73
N PRO B 380 -5.61 19.87 25.93
CA PRO B 380 -4.25 20.21 26.39
C PRO B 380 -3.32 19.01 26.47
N ARG B 381 -3.83 17.86 26.93
CA ARG B 381 -2.98 16.67 27.01
C ARG B 381 -2.64 16.15 25.62
N ALA B 382 -3.64 16.07 24.74
CA ALA B 382 -3.39 15.54 23.39
C ALA B 382 -2.44 16.42 22.62
N CYS B 383 -2.54 17.74 22.80
CA CYS B 383 -1.63 18.65 22.11
C CYS B 383 -0.20 18.49 22.62
N ARG B 384 -0.03 18.28 23.93
CA ARG B 384 1.31 18.04 24.45
C ARG B 384 1.88 16.71 23.94
N VAL B 385 1.02 15.71 23.75
CA VAL B 385 1.49 14.45 23.18
C VAL B 385 1.91 14.66 21.73
N GLN B 386 1.22 15.55 21.00
CA GLN B 386 1.59 15.83 19.61
C GLN B 386 3.00 16.40 19.52
N GLN B 387 3.30 17.42 20.33
CA GLN B 387 4.61 18.08 20.24
C GLN B 387 5.72 17.19 20.79
N THR B 388 5.48 16.54 21.93
CA THR B 388 6.49 15.65 22.49
C THR B 388 6.76 14.46 21.59
N SER B 389 5.82 14.09 20.72
CA SER B 389 6.09 13.07 19.72
C SER B 389 7.08 13.57 18.68
N TRP B 390 6.91 14.81 18.22
CA TRP B 390 7.86 15.39 17.28
C TRP B 390 9.23 15.56 17.94
N GLU B 391 9.25 16.04 19.19
CA GLU B 391 10.51 16.23 19.89
C GLU B 391 11.25 14.91 20.08
N THR B 392 10.52 13.83 20.34
CA THR B 392 11.15 12.53 20.56
C THR B 392 11.83 12.03 19.29
N GLY B 393 11.23 12.31 18.12
CA GLY B 393 11.89 11.96 16.87
C GLY B 393 13.19 12.70 16.68
N GLU B 394 13.22 13.99 17.04
CA GLU B 394 14.47 14.73 17.02
C GLU B 394 15.49 14.13 17.99
N LEU B 395 15.01 13.66 19.15
CA LEU B 395 15.90 13.05 20.12
C LEU B 395 16.48 11.74 19.60
N TYR B 396 15.65 10.91 18.97
CA TYR B 396 16.14 9.66 18.39
C TYR B 396 17.26 9.92 17.40
N GLU B 397 17.14 10.98 16.60
CA GLU B 397 18.05 11.25 15.50
C GLU B 397 19.09 12.31 15.85
N LEU B 398 19.49 12.39 17.12
CA LEU B 398 20.62 13.20 17.57
C LEU B 398 20.44 14.68 17.24
N ARG B 399 19.18 15.14 17.19
CA ARG B 399 18.89 16.54 16.88
C ARG B 399 18.23 17.27 18.04
N ASP B 400 18.29 16.69 19.24
CA ASP B 400 17.75 17.37 20.42
C ASP B 400 18.74 18.43 20.90
N PRO B 401 18.29 19.65 21.19
CA PRO B 401 19.22 20.71 21.61
C PRO B 401 20.06 20.35 22.83
N VAL B 402 19.40 19.98 23.92
CA VAL B 402 20.13 19.73 25.17
C VAL B 402 20.96 18.46 25.08
N VAL B 403 20.38 17.39 24.54
CA VAL B 403 21.04 16.08 24.53
C VAL B 403 22.01 15.97 23.36
N GLY B 404 21.56 16.23 22.14
CA GLY B 404 22.39 16.07 20.96
C GLY B 404 22.85 14.65 20.71
N ALA B 405 24.16 14.42 20.68
CA ALA B 405 24.71 13.10 20.41
C ALA B 405 25.46 12.51 21.59
N ASN B 406 25.31 13.06 22.80
CA ASN B 406 25.94 12.49 23.99
C ASN B 406 25.17 11.24 24.40
N GLU B 407 25.86 10.09 24.42
CA GLU B 407 25.20 8.84 24.73
C GLU B 407 24.69 8.81 26.17
N GLN B 408 25.42 9.43 27.09
CA GLN B 408 25.06 9.37 28.50
C GLN B 408 23.70 10.01 28.75
N LEU B 409 23.56 11.29 28.39
CA LEU B 409 22.29 11.97 28.56
C LEU B 409 21.22 11.44 27.62
N LEU B 410 21.60 10.71 26.57
CA LEU B 410 20.62 10.11 25.68
C LEU B 410 19.94 8.91 26.33
N GLY B 411 20.74 7.97 26.84
CA GLY B 411 20.17 6.79 27.46
C GLY B 411 19.43 7.10 28.75
N GLU B 412 19.95 8.04 29.55
CA GLU B 412 19.29 8.39 30.80
C GLU B 412 17.96 9.09 30.55
N ASN B 413 17.90 9.93 29.52
CA ASN B 413 16.66 10.65 29.22
C ASN B 413 15.58 9.69 28.71
N LEU B 414 15.96 8.73 27.87
CA LEU B 414 14.97 7.84 27.27
C LEU B 414 14.32 6.93 28.32
N ALA B 415 15.04 6.61 29.39
CA ALA B 415 14.53 5.66 30.38
C ALA B 415 13.27 6.18 31.08
N THR B 416 13.13 7.51 31.19
CA THR B 416 12.04 8.08 31.97
C THR B 416 11.21 9.13 31.23
N ARG B 417 11.49 9.40 29.96
CA ARG B 417 10.81 10.50 29.28
C ARG B 417 9.40 10.15 28.84
N PHE B 418 9.00 8.88 28.90
CA PHE B 418 7.66 8.47 28.50
C PHE B 418 6.73 8.23 29.68
N ASP B 419 7.21 8.40 30.92
CA ASP B 419 6.41 8.03 32.08
C ASP B 419 5.23 8.96 32.26
N TRP B 420 5.39 10.25 31.95
CA TRP B 420 4.27 11.19 32.04
C TRP B 420 3.13 10.80 31.11
N LEU B 421 3.45 10.20 29.97
CA LEU B 421 2.43 9.76 29.04
C LEU B 421 1.82 8.42 29.46
N TRP B 422 2.66 7.50 29.93
CA TRP B 422 2.21 6.14 30.23
C TRP B 422 1.45 6.07 31.56
N ASN B 423 1.96 6.75 32.59
CA ASN B 423 1.45 6.60 33.94
C ASN B 423 0.37 7.61 34.31
N HIS B 424 -0.17 8.33 33.33
CA HIS B 424 -1.21 9.30 33.62
C HIS B 424 -2.53 8.60 33.94
N ASP B 425 -3.10 8.93 35.10
CA ASP B 425 -4.40 8.39 35.50
C ASP B 425 -5.49 9.24 34.87
N LEU B 426 -6.17 8.70 33.85
CA LEU B 426 -7.22 9.44 33.18
C LEU B 426 -8.47 9.60 34.05
N ASP B 427 -8.60 8.80 35.11
CA ASP B 427 -9.70 9.02 36.05
C ASP B 427 -9.53 10.32 36.81
N THR B 428 -8.29 10.77 37.00
CA THR B 428 -8.04 12.07 37.60
C THR B 428 -8.68 13.18 36.79
N ASP B 429 -8.53 13.12 35.46
CA ASP B 429 -9.18 14.10 34.59
C ASP B 429 -10.69 13.94 34.62
N LEU B 430 -11.19 12.70 34.62
CA LEU B 430 -12.63 12.47 34.69
C LEU B 430 -13.21 13.00 36.00
N ALA B 431 -12.46 12.86 37.09
CA ALA B 431 -12.93 13.37 38.37
C ALA B 431 -13.07 14.88 38.35
N GLU B 432 -12.03 15.57 37.88
CA GLU B 432 -12.10 17.03 37.73
C GLU B 432 -13.26 17.43 36.84
N ALA B 433 -13.54 16.64 35.80
CA ALA B 433 -14.68 16.92 34.94
C ALA B 433 -15.99 16.83 35.70
N ARG B 434 -16.13 15.83 36.58
CA ARG B 434 -17.33 15.74 37.40
C ARG B 434 -17.46 16.95 38.33
N ALA B 435 -16.35 17.41 38.89
CA ALA B 435 -16.38 18.56 39.78
C ALA B 435 -16.77 19.84 39.04
N ARG B 436 -16.38 19.96 37.76
CA ARG B 436 -16.73 21.15 36.99
C ARG B 436 -18.21 21.15 36.62
N LEU B 437 -18.75 19.98 36.29
CA LEU B 437 -20.16 19.84 35.96
C LEU B 437 -21.06 19.80 37.18
N GLY B 438 -20.52 20.04 38.37
CA GLY B 438 -21.27 19.84 39.60
C GLY B 438 -21.31 18.37 39.97
N TRP B 439 -22.14 17.62 39.26
CA TRP B 439 -22.29 16.15 39.34
C TRP B 439 -21.69 15.49 40.59
#